data_7RSM
#
_entry.id   7RSM
#
_cell.length_a   66.700
_cell.length_b   135.200
_cell.length_c   72.240
_cell.angle_alpha   90.000
_cell.angle_beta   112.540
_cell.angle_gamma   90.000
#
_symmetry.space_group_name_H-M   'P 1 21 1'
#
loop_
_entity.id
_entity.type
_entity.pdbx_description
1 polymer 'Pyrrolysine--tRNA ligase'
2 non-polymer 'PHOSPHOAMINOPHOSPHONIC ACID-ADENYLATE ESTER'
3 non-polymer 2-chloro-L-phenylalanine
4 water water
#
_entity_poly.entity_id   1
_entity_poly.type   'polypeptide(L)'
_entity_poly.pdbx_seq_one_letter_code
;PALTKSQTDRLEVLLNPKDEISLNSGKPFRELESELLSRRKKDLQQIYAEERENYLGKLEREITRFFVDRGFLEIKSPIL
IPLEYIERMGIDNDTELSKQIFRVDKNFCLRPMLAPNLYNYLRKLDRALPDPIKIFEIGPCYRKESDGKEHLEEFTMLDF
SQMGSGCTRENLESIITDFLNHLGIDFKIVGDSCMVFGDTLDVMHGDLELSSAVVGPIPLDREWGIDKPWIGAGFGLERL
LKVKHDFKNIKRAARSESYYNGISTNL
;
_entity_poly.pdbx_strand_id   A,B,C,D
#
loop_
_chem_comp.id
_chem_comp.type
_chem_comp.name
_chem_comp.formula
ANP non-polymer 'PHOSPHOAMINOPHOSPHONIC ACID-ADENYLATE ESTER' 'C10 H17 N6 O12 P3'
#
# COMPACT_ATOMS: atom_id res chain seq x y z
N PRO A 1 -16.45 35.74 -29.35
CA PRO A 1 -17.78 35.56 -28.77
C PRO A 1 -17.75 35.45 -27.24
N ALA A 2 -18.69 34.70 -26.66
CA ALA A 2 -18.67 34.38 -25.24
C ALA A 2 -17.91 33.07 -25.01
N LEU A 3 -17.31 32.96 -23.84
CA LEU A 3 -16.32 31.92 -23.60
C LEU A 3 -16.93 30.53 -23.67
N THR A 4 -16.19 29.60 -24.27
CA THR A 4 -16.55 28.19 -24.20
C THR A 4 -16.24 27.66 -22.80
N LYS A 5 -16.51 26.35 -22.62
CA LYS A 5 -16.28 25.78 -21.32
C LYS A 5 -14.83 25.37 -21.10
N SER A 6 -14.18 24.80 -22.12
CA SER A 6 -12.73 24.62 -22.01
C SER A 6 -12.04 25.96 -21.75
N GLN A 7 -12.54 27.03 -22.38
CA GLN A 7 -11.98 28.35 -22.17
C GLN A 7 -12.26 28.85 -20.76
N THR A 8 -13.47 28.65 -20.27
CA THR A 8 -13.77 29.17 -18.94
C THR A 8 -12.97 28.40 -17.88
N ASP A 9 -12.78 27.09 -18.08
CA ASP A 9 -11.93 26.29 -17.19
C ASP A 9 -10.52 26.80 -17.20
N ARG A 10 -9.99 27.12 -18.38
CA ARG A 10 -8.62 27.61 -18.48
C ARG A 10 -8.44 28.90 -17.68
N LEU A 11 -9.40 29.83 -17.78
CA LEU A 11 -9.26 31.08 -17.04
C LEU A 11 -9.42 30.88 -15.54
N GLU A 12 -10.28 29.93 -15.11
CA GLU A 12 -10.43 29.69 -13.68
C GLU A 12 -9.18 29.04 -13.10
N VAL A 13 -8.50 28.18 -13.87
CA VAL A 13 -7.25 27.61 -13.40
C VAL A 13 -6.19 28.71 -13.21
N LEU A 14 -6.08 29.63 -14.17
CA LEU A 14 -5.09 30.71 -14.10
C LEU A 14 -5.48 31.89 -13.21
N LEU A 15 -6.74 32.01 -12.83
CA LEU A 15 -7.16 33.11 -11.98
C LEU A 15 -6.71 32.90 -10.53
N ASN A 16 -6.52 34.02 -9.85
CA ASN A 16 -6.35 34.33 -8.43
C ASN A 16 -7.20 35.50 -8.00
N PRO A 17 -7.69 35.46 -6.75
CA PRO A 17 -8.68 36.47 -6.35
C PRO A 17 -8.11 37.87 -6.27
N LYS A 18 -6.79 38.01 -6.07
CA LYS A 18 -6.16 39.32 -6.13
C LYS A 18 -6.36 39.99 -7.50
N ASP A 19 -6.51 39.18 -8.56
CA ASP A 19 -6.68 39.73 -9.89
C ASP A 19 -7.91 40.62 -9.94
N GLU A 20 -7.79 41.73 -10.68
CA GLU A 20 -8.88 42.66 -10.92
C GLU A 20 -9.31 42.68 -12.37
N ILE A 21 -8.70 41.87 -13.23
CA ILE A 21 -9.05 41.85 -14.64
C ILE A 21 -10.51 41.43 -14.77
N SER A 22 -11.28 42.19 -15.55
CA SER A 22 -12.71 41.98 -15.68
C SER A 22 -12.96 40.78 -16.58
N LEU A 23 -13.42 39.67 -15.99
CA LEU A 23 -13.65 38.43 -16.71
C LEU A 23 -14.89 38.49 -17.59
N ASN A 24 -15.28 39.69 -18.03
CA ASN A 24 -16.45 39.86 -18.89
C ASN A 24 -16.38 41.24 -19.54
N SER A 25 -16.11 41.28 -20.84
CA SER A 25 -16.05 42.52 -21.60
C SER A 25 -15.84 42.20 -23.07
N GLY A 26 -15.11 43.04 -23.78
CA GLY A 26 -14.90 42.85 -25.20
C GLY A 26 -13.67 42.09 -25.58
N LYS A 27 -12.84 41.69 -24.61
CA LYS A 27 -11.52 41.12 -24.90
C LYS A 27 -11.66 39.68 -25.40
N PRO A 28 -10.80 39.27 -26.33
CA PRO A 28 -10.79 37.86 -26.74
C PRO A 28 -10.20 36.96 -25.65
N PHE A 29 -10.61 35.70 -25.68
CA PHE A 29 -10.12 34.71 -24.72
C PHE A 29 -8.60 34.68 -24.67
N ARG A 30 -7.96 34.61 -25.85
CA ARG A 30 -6.50 34.57 -25.92
C ARG A 30 -5.86 35.79 -25.26
N GLU A 31 -6.49 36.96 -25.34
CA GLU A 31 -5.91 38.13 -24.69
C GLU A 31 -6.02 38.02 -23.16
N LEU A 32 -7.16 37.56 -22.66
CA LEU A 32 -7.27 37.33 -21.23
C LEU A 32 -6.33 36.21 -20.76
N GLU A 33 -6.25 35.12 -21.52
CA GLU A 33 -5.39 34.01 -21.13
C GLU A 33 -3.93 34.43 -21.06
N SER A 34 -3.49 35.27 -22.00
CA SER A 34 -2.08 35.68 -22.04
C SER A 34 -1.73 36.64 -20.90
N GLU A 35 -2.67 37.50 -20.52
CA GLU A 35 -2.43 38.36 -19.37
C GLU A 35 -2.29 37.51 -18.12
N LEU A 36 -3.20 36.55 -17.94
CA LEU A 36 -3.16 35.68 -16.77
C LEU A 36 -1.91 34.80 -16.76
N LEU A 37 -1.57 34.20 -17.90
CA LEU A 37 -0.31 33.45 -18.00
C LEU A 37 0.88 34.31 -17.60
N SER A 38 0.85 35.59 -18.00
CA SER A 38 1.88 36.53 -17.60
C SER A 38 1.89 36.74 -16.08
N ARG A 39 0.75 37.15 -15.51
CA ARG A 39 0.66 37.33 -14.06
C ARG A 39 1.10 36.08 -13.28
N ARG A 40 0.68 34.90 -13.73
CA ARG A 40 0.99 33.68 -12.98
C ARG A 40 2.46 33.25 -13.14
N LYS A 41 3.05 33.44 -14.33
CA LYS A 41 4.46 33.13 -14.53
C LYS A 41 5.34 33.96 -13.60
N LYS A 42 4.99 35.24 -13.44
CA LYS A 42 5.76 36.12 -12.57
C LYS A 42 5.50 35.84 -11.11
N ASP A 43 4.30 35.36 -10.76
CA ASP A 43 4.08 34.92 -9.40
C ASP A 43 5.07 33.82 -9.01
N LEU A 44 5.26 32.80 -9.88
CA LEU A 44 6.19 31.70 -9.54
C LEU A 44 7.64 32.11 -9.58
N GLN A 45 8.01 32.96 -10.56
CA GLN A 45 9.32 33.56 -10.57
C GLN A 45 9.58 34.30 -9.27
N GLN A 46 8.67 35.18 -8.84
CA GLN A 46 8.88 35.82 -7.55
C GLN A 46 9.02 34.80 -6.43
N ILE A 47 8.18 33.75 -6.44
CA ILE A 47 8.32 32.71 -5.43
C ILE A 47 9.68 32.01 -5.51
N TYR A 48 10.13 31.71 -6.73
CA TYR A 48 11.39 31.01 -6.91
C TYR A 48 12.59 31.89 -6.56
N ALA A 49 12.49 33.19 -6.81
CA ALA A 49 13.62 34.08 -6.60
C ALA A 49 13.77 34.49 -5.13
N GLU A 50 12.66 34.66 -4.42
CA GLU A 50 12.75 35.24 -3.08
C GLU A 50 12.08 34.45 -1.97
N GLU A 51 11.24 33.47 -2.25
CA GLU A 51 10.51 32.81 -1.17
C GLU A 51 10.89 31.35 -1.04
N ARG A 52 10.48 30.50 -1.98
CA ARG A 52 11.01 29.14 -2.14
C ARG A 52 10.45 28.18 -1.11
N GLU A 53 9.73 28.66 -0.10
CA GLU A 53 9.06 27.75 0.81
C GLU A 53 7.65 27.39 0.32
N ASN A 54 7.35 26.10 0.39
CA ASN A 54 6.02 25.62 0.08
C ASN A 54 5.03 26.02 1.17
N TYR A 55 3.81 26.41 0.77
CA TYR A 55 2.81 26.87 1.75
C TYR A 55 2.49 25.76 2.75
N LEU A 56 2.37 24.52 2.28
CA LEU A 56 1.97 23.44 3.17
C LEU A 56 3.09 23.09 4.16
N GLY A 57 4.31 22.84 3.68
CA GLY A 57 5.46 22.72 4.58
C GLY A 57 5.60 23.90 5.54
N LYS A 58 5.59 25.13 5.01
CA LYS A 58 5.80 26.28 5.87
C LYS A 58 4.73 26.41 6.95
N LEU A 59 3.46 26.21 6.58
CA LEU A 59 2.42 26.25 7.60
C LEU A 59 2.62 25.14 8.62
N GLU A 60 3.02 23.95 8.17
CA GLU A 60 3.28 22.86 9.10
C GLU A 60 4.35 23.25 10.12
N ARG A 61 5.46 23.82 9.66
CA ARG A 61 6.55 24.21 10.57
C ARG A 61 6.12 25.28 11.57
N GLU A 62 5.24 26.19 11.18
CA GLU A 62 4.89 27.27 12.09
C GLU A 62 3.89 26.79 13.14
N ILE A 63 2.99 25.87 12.74
CA ILE A 63 2.08 25.22 13.71
C ILE A 63 2.88 24.42 14.73
N THR A 64 3.95 23.76 14.30
CA THR A 64 4.80 23.00 15.23
C THR A 64 5.43 23.91 16.27
N ARG A 65 6.05 25.01 15.83
CA ARG A 65 6.64 26.01 16.73
C ARG A 65 5.63 26.52 17.74
N PHE A 66 4.41 26.81 17.29
CA PHE A 66 3.37 27.24 18.22
C PHE A 66 3.13 26.20 19.30
N PHE A 67 2.87 24.95 18.89
CA PHE A 67 2.47 23.98 19.91
C PHE A 67 3.66 23.53 20.76
N VAL A 68 4.87 23.48 20.19
CA VAL A 68 6.04 23.19 21.03
C VAL A 68 6.20 24.28 22.08
N ASP A 69 5.99 25.54 21.66
CA ASP A 69 6.09 26.65 22.58
C ASP A 69 5.13 26.52 23.75
N ARG A 70 3.90 26.12 23.48
CA ARG A 70 2.92 25.85 24.52
C ARG A 70 3.20 24.56 25.31
N GLY A 71 4.25 23.76 25.15
CA GLY A 71 4.41 22.59 26.01
C GLY A 71 3.91 21.28 25.45
N PHE A 72 3.59 21.21 24.16
CA PHE A 72 3.12 19.99 23.53
C PHE A 72 4.31 19.31 22.85
N LEU A 73 4.50 18.04 23.18
CA LEU A 73 5.51 17.21 22.53
C LEU A 73 5.15 16.88 21.08
N GLU A 74 6.10 17.09 20.15
CA GLU A 74 5.86 16.82 18.71
C GLU A 74 5.97 15.32 18.41
N ILE A 75 4.90 14.70 17.89
CA ILE A 75 4.90 13.27 17.57
C ILE A 75 4.97 13.11 16.06
N LYS A 76 5.78 12.12 15.61
CA LYS A 76 5.81 11.60 14.24
C LYS A 76 5.56 10.10 14.30
N SER A 77 4.31 9.68 14.10
CA SER A 77 3.88 8.29 14.22
C SER A 77 3.56 7.72 12.84
N PRO A 78 3.35 6.39 12.72
CA PRO A 78 3.22 5.78 11.38
C PRO A 78 2.03 6.32 10.61
N ILE A 79 2.22 6.42 9.28
CA ILE A 79 1.12 6.72 8.36
C ILE A 79 0.45 5.43 7.85
N LEU A 80 1.20 4.36 7.74
CA LEU A 80 0.61 3.06 7.41
C LEU A 80 0.28 2.36 8.72
N ILE A 81 -1.00 2.22 9.04
CA ILE A 81 -1.39 1.69 10.34
C ILE A 81 -2.23 0.43 10.15
N PRO A 82 -2.32 -0.41 11.20
CA PRO A 82 -3.13 -1.64 11.09
C PRO A 82 -4.60 -1.33 10.89
N LEU A 83 -5.30 -2.22 10.17
CA LEU A 83 -6.73 -2.02 9.94
C LEU A 83 -7.51 -2.17 11.24
N GLU A 84 -6.96 -2.93 12.19
CA GLU A 84 -7.66 -3.17 13.44
C GLU A 84 -7.80 -1.88 14.25
N TYR A 85 -6.86 -0.94 14.11
CA TYR A 85 -6.97 0.37 14.77
C TYR A 85 -8.23 1.10 14.33
N ILE A 86 -8.63 0.91 13.08
CA ILE A 86 -9.81 1.56 12.55
C ILE A 86 -11.06 1.09 13.26
N GLU A 87 -11.23 -0.23 13.39
CA GLU A 87 -12.41 -0.76 14.03
C GLU A 87 -12.44 -0.40 15.51
N ARG A 88 -11.28 -0.33 16.15
CA ARG A 88 -11.24 0.11 17.53
C ARG A 88 -11.54 1.59 17.68
N MET A 89 -11.66 2.32 16.57
CA MET A 89 -12.04 3.72 16.60
C MET A 89 -13.54 3.92 16.42
N GLY A 90 -14.30 2.84 16.40
CA GLY A 90 -15.73 2.96 16.24
C GLY A 90 -16.23 2.88 14.81
N ILE A 91 -15.38 2.53 13.87
CA ILE A 91 -15.80 2.30 12.48
C ILE A 91 -15.81 0.80 12.23
N ASP A 92 -17.00 0.21 12.29
CA ASP A 92 -17.23 -1.16 11.89
C ASP A 92 -17.37 -1.24 10.37
N ASN A 93 -17.33 -2.47 9.84
CA ASN A 93 -17.49 -2.70 8.41
C ASN A 93 -18.91 -2.40 7.95
N ASP A 94 -19.60 -1.53 8.70
CA ASP A 94 -20.94 -1.07 8.41
C ASP A 94 -21.08 0.45 8.47
N THR A 95 -20.14 1.17 9.10
CA THR A 95 -20.25 2.61 9.30
C THR A 95 -20.00 3.36 7.99
N GLU A 96 -20.02 4.69 8.06
CA GLU A 96 -19.91 5.50 6.85
C GLU A 96 -18.45 5.74 6.45
N LEU A 97 -17.59 6.06 7.43
CA LEU A 97 -16.18 6.27 7.11
C LEU A 97 -15.45 4.97 6.80
N SER A 98 -16.09 3.80 7.03
CA SER A 98 -15.41 2.53 6.79
C SER A 98 -15.18 2.29 5.31
N LYS A 99 -16.16 2.64 4.48
CA LYS A 99 -15.92 2.53 3.05
C LYS A 99 -14.90 3.53 2.55
N GLN A 100 -14.37 4.47 3.33
CA GLN A 100 -13.63 5.49 2.62
C GLN A 100 -12.14 5.23 2.81
N ILE A 101 -11.83 4.13 3.52
CA ILE A 101 -10.49 3.77 3.92
C ILE A 101 -9.73 3.27 2.70
N PHE A 102 -8.43 3.58 2.65
CA PHE A 102 -7.50 3.08 1.64
C PHE A 102 -6.72 1.91 2.24
N ARG A 103 -7.16 0.69 1.95
CA ARG A 103 -6.47 -0.50 2.42
C ARG A 103 -5.21 -0.76 1.59
N VAL A 104 -4.15 -1.23 2.25
CA VAL A 104 -2.90 -1.48 1.54
C VAL A 104 -2.73 -2.98 1.34
N ASP A 105 -2.31 -3.71 2.37
CA ASP A 105 -2.18 -5.16 2.19
C ASP A 105 -3.50 -5.80 2.58
N LYS A 106 -3.46 -6.86 3.39
CA LYS A 106 -4.68 -7.37 4.00
C LYS A 106 -4.87 -6.89 5.44
N ASN A 107 -3.75 -6.54 6.10
CA ASN A 107 -3.71 -5.96 7.44
C ASN A 107 -3.74 -4.44 7.53
N PHE A 108 -3.03 -3.71 6.67
CA PHE A 108 -2.74 -2.32 6.99
C PHE A 108 -3.60 -1.38 6.15
N CYS A 109 -3.68 -0.11 6.60
CA CYS A 109 -4.35 0.93 5.83
C CYS A 109 -3.66 2.27 6.00
N LEU A 110 -3.88 3.15 5.03
CA LEU A 110 -3.52 4.55 5.16
C LEU A 110 -4.39 5.19 6.23
N ARG A 111 -3.77 5.80 7.24
CA ARG A 111 -4.55 6.32 8.36
C ARG A 111 -5.48 7.43 7.85
N PRO A 112 -6.76 7.41 8.23
CA PRO A 112 -7.67 8.52 7.89
C PRO A 112 -7.77 9.57 8.98
N MET A 113 -7.11 9.35 10.12
CA MET A 113 -7.08 10.28 11.24
C MET A 113 -5.86 9.97 12.11
N LEU A 114 -5.56 10.88 13.04
CA LEU A 114 -4.40 10.76 13.89
C LEU A 114 -4.72 10.14 15.24
N ALA A 115 -6.02 9.95 15.54
CA ALA A 115 -6.46 9.54 16.87
C ALA A 115 -5.86 8.22 17.37
N PRO A 116 -5.82 7.12 16.59
CA PRO A 116 -5.31 5.86 17.16
C PRO A 116 -3.87 5.96 17.63
N ASN A 117 -2.94 6.48 16.79
CA ASN A 117 -1.54 6.58 17.20
C ASN A 117 -1.38 7.52 18.39
N LEU A 118 -2.21 8.56 18.46
CA LEU A 118 -2.14 9.47 19.59
C LEU A 118 -2.69 8.82 20.85
N TYR A 119 -3.79 8.05 20.75
CA TYR A 119 -4.21 7.20 21.87
C TYR A 119 -3.06 6.35 22.44
N ASN A 120 -2.37 5.64 21.54
CA ASN A 120 -1.25 4.82 22.00
C ASN A 120 -0.16 5.67 22.65
N TYR A 121 0.18 6.83 22.06
CA TYR A 121 1.16 7.70 22.72
C TYR A 121 0.69 8.14 24.10
N LEU A 122 -0.58 8.52 24.22
CA LEU A 122 -1.08 8.95 25.53
C LEU A 122 -0.93 7.84 26.57
N ARG A 123 -1.32 6.62 26.21
CA ARG A 123 -1.20 5.51 27.14
C ARG A 123 0.26 5.25 27.50
N LYS A 124 1.15 5.27 26.50
CA LYS A 124 2.53 4.90 26.79
C LYS A 124 3.25 5.98 27.59
N LEU A 125 3.02 7.26 27.24
CA LEU A 125 3.73 8.36 27.90
C LEU A 125 3.25 8.62 29.34
N ASP A 126 2.10 8.07 29.74
CA ASP A 126 1.58 8.29 31.09
C ASP A 126 2.57 7.71 32.13
N ARG A 127 2.99 6.46 31.91
CA ARG A 127 4.19 5.87 32.51
C ARG A 127 5.38 6.76 32.82
N ALA A 128 5.66 7.77 32.00
CA ALA A 128 6.99 8.36 32.03
C ALA A 128 6.95 9.85 32.29
N LEU A 129 5.91 10.53 31.82
CA LEU A 129 5.88 11.97 31.83
C LEU A 129 4.96 12.49 32.93
N PRO A 130 5.24 13.67 33.48
CA PRO A 130 4.39 14.23 34.54
C PRO A 130 3.06 14.71 33.99
N ASP A 131 2.09 14.91 34.89
CA ASP A 131 0.77 15.44 34.55
C ASP A 131 0.84 16.95 34.31
N PRO A 132 0.17 17.48 33.28
CA PRO A 132 -0.61 16.72 32.28
C PRO A 132 0.20 16.34 31.02
N ILE A 133 -0.22 15.29 30.31
CA ILE A 133 0.41 14.89 29.05
C ILE A 133 -0.15 15.76 27.94
N LYS A 134 0.73 16.50 27.24
CA LYS A 134 0.36 17.34 26.09
C LYS A 134 1.21 16.95 24.88
N ILE A 135 0.53 16.52 23.81
CA ILE A 135 1.17 16.04 22.59
C ILE A 135 0.40 16.53 21.36
N PHE A 136 1.03 16.39 20.21
CA PHE A 136 0.37 16.75 18.98
C PHE A 136 1.11 16.12 17.80
N GLU A 137 0.39 15.91 16.70
CA GLU A 137 1.04 15.47 15.49
C GLU A 137 0.45 16.21 14.30
N ILE A 138 1.29 16.41 13.29
CA ILE A 138 0.90 16.92 11.97
C ILE A 138 1.36 15.89 10.96
N GLY A 139 0.44 15.46 10.09
CA GLY A 139 0.83 14.72 8.92
C GLY A 139 -0.30 14.26 8.00
N PRO A 140 0.09 13.59 6.92
CA PRO A 140 -0.89 13.10 5.94
C PRO A 140 -1.95 12.17 6.51
N CYS A 141 -3.17 12.30 5.99
CA CYS A 141 -4.28 11.42 6.26
C CYS A 141 -5.08 11.25 4.99
N TYR A 142 -5.77 10.13 4.90
CA TYR A 142 -6.28 9.61 3.63
C TYR A 142 -7.71 9.13 3.82
N ARG A 143 -8.62 9.74 3.08
CA ARG A 143 -10.01 9.35 3.07
C ARG A 143 -10.48 9.32 1.63
N LYS A 144 -11.25 8.29 1.28
CA LYS A 144 -11.76 8.27 -0.08
C LYS A 144 -12.79 9.38 -0.34
N GLU A 145 -13.31 10.07 0.68
CA GLU A 145 -14.13 11.24 0.39
C GLU A 145 -13.28 12.32 -0.22
N SER A 146 -13.74 12.82 -1.35
CA SER A 146 -13.16 14.00 -1.99
C SER A 146 -14.18 14.52 -2.98
N ASP A 147 -15.32 15.00 -2.47
CA ASP A 147 -16.26 15.74 -3.30
C ASP A 147 -15.54 16.82 -4.08
N GLY A 148 -14.37 17.24 -3.62
CA GLY A 148 -13.51 18.12 -4.37
C GLY A 148 -13.51 19.50 -3.80
N LYS A 149 -14.71 20.08 -3.71
CA LYS A 149 -14.88 21.47 -3.32
C LYS A 149 -14.26 21.77 -1.96
N GLU A 150 -14.44 20.87 -0.97
CA GLU A 150 -13.89 21.05 0.36
C GLU A 150 -13.25 19.80 0.95
N HIS A 151 -13.32 18.65 0.27
CA HIS A 151 -12.65 17.45 0.74
C HIS A 151 -11.56 17.08 -0.27
N LEU A 152 -10.49 16.52 0.27
CA LEU A 152 -9.36 15.98 -0.49
C LEU A 152 -9.24 14.52 -0.13
N GLU A 153 -8.72 13.71 -1.05
CA GLU A 153 -8.45 12.32 -0.69
C GLU A 153 -7.19 12.20 0.14
N GLU A 154 -6.19 13.03 -0.16
CA GLU A 154 -4.94 13.08 0.57
C GLU A 154 -4.85 14.44 1.24
N PHE A 155 -4.77 14.48 2.57
CA PHE A 155 -4.77 15.78 3.22
C PHE A 155 -3.87 15.76 4.46
N THR A 156 -3.86 16.84 5.20
CA THR A 156 -2.89 16.99 6.28
C THR A 156 -3.61 17.46 7.52
N MET A 157 -3.44 16.73 8.61
CA MET A 157 -4.14 17.01 9.83
C MET A 157 -3.14 17.45 10.88
N LEU A 158 -3.54 18.44 11.66
CA LEU A 158 -3.02 18.69 12.99
C LEU A 158 -3.97 18.08 14.02
N ASP A 159 -3.41 17.35 14.99
CA ASP A 159 -4.22 16.81 16.05
C ASP A 159 -3.46 16.99 17.34
N PHE A 160 -4.06 17.69 18.29
CA PHE A 160 -3.44 17.88 19.59
C PHE A 160 -4.34 17.31 20.70
N SER A 161 -3.69 16.89 21.79
CA SER A 161 -4.35 16.31 22.95
C SER A 161 -3.60 16.73 24.19
N GLN A 162 -4.37 16.93 25.25
CA GLN A 162 -3.91 17.04 26.62
C GLN A 162 -4.68 15.99 27.40
N MET A 163 -4.05 15.44 28.45
CA MET A 163 -4.61 14.34 29.21
C MET A 163 -4.18 14.49 30.66
N GLY A 164 -5.15 14.42 31.58
CA GLY A 164 -4.86 14.58 33.00
C GLY A 164 -5.54 15.81 33.59
N SER A 165 -4.80 16.63 34.34
CA SER A 165 -5.36 17.87 34.80
C SER A 165 -5.53 18.85 33.63
N GLY A 166 -6.40 19.84 33.85
CA GLY A 166 -6.57 20.92 32.89
C GLY A 166 -7.33 20.55 31.65
N CYS A 167 -8.13 19.50 31.71
CA CYS A 167 -8.81 18.97 30.54
C CYS A 167 -10.28 19.34 30.56
N THR A 168 -10.49 20.66 30.64
CA THR A 168 -11.81 21.26 30.68
C THR A 168 -12.19 21.83 29.33
N ARG A 169 -13.51 21.96 29.14
CA ARG A 169 -13.98 22.59 27.93
C ARG A 169 -13.45 24.02 27.80
N GLU A 170 -13.44 24.76 28.92
CA GLU A 170 -12.90 26.12 28.92
C GLU A 170 -11.47 26.14 28.37
N ASN A 171 -10.66 25.18 28.77
CA ASN A 171 -9.27 25.18 28.35
C ASN A 171 -9.08 24.61 26.95
N LEU A 172 -10.00 23.74 26.51
CA LEU A 172 -10.03 23.37 25.10
C LEU A 172 -10.38 24.57 24.22
N GLU A 173 -11.36 25.37 24.64
CA GLU A 173 -11.74 26.53 23.85
C GLU A 173 -10.65 27.60 23.86
N SER A 174 -9.86 27.64 24.93
CA SER A 174 -8.79 28.63 25.00
C SER A 174 -7.64 28.29 24.06
N ILE A 175 -7.23 27.01 24.00
CA ILE A 175 -6.19 26.60 23.05
C ILE A 175 -6.60 26.96 21.63
N ILE A 176 -7.80 26.53 21.22
CA ILE A 176 -8.27 26.74 19.86
C ILE A 176 -8.31 28.23 19.56
N THR A 177 -8.73 29.05 20.53
CA THR A 177 -8.81 30.49 20.28
C THR A 177 -7.42 31.10 20.04
N ASP A 178 -6.44 30.74 20.90
CA ASP A 178 -5.08 31.21 20.72
C ASP A 178 -4.50 30.77 19.39
N PHE A 179 -4.89 29.58 18.90
CA PHE A 179 -4.32 29.01 17.69
C PHE A 179 -4.85 29.70 16.44
N LEU A 180 -6.16 29.84 16.34
CA LEU A 180 -6.71 30.52 15.19
C LEU A 180 -6.50 32.03 15.27
N ASN A 181 -6.45 32.62 16.47
CA ASN A 181 -5.98 34.01 16.58
C ASN A 181 -4.56 34.12 16.07
N HIS A 182 -3.72 33.13 16.39
CA HIS A 182 -2.36 33.11 15.88
C HIS A 182 -2.34 33.04 14.36
N LEU A 183 -3.23 32.26 13.75
CA LEU A 183 -3.22 32.14 12.31
C LEU A 183 -4.12 33.16 11.61
N GLY A 184 -4.71 34.08 12.36
CA GLY A 184 -5.52 35.16 11.80
C GLY A 184 -6.85 34.75 11.20
N ILE A 185 -7.52 33.71 11.72
CA ILE A 185 -8.76 33.16 11.13
C ILE A 185 -9.94 33.41 12.08
N ASP A 186 -10.99 34.07 11.58
CA ASP A 186 -12.26 34.17 12.33
C ASP A 186 -12.92 32.80 12.47
N PHE A 187 -13.59 32.61 13.61
CA PHE A 187 -14.24 31.34 13.89
C PHE A 187 -15.35 31.52 14.91
N LYS A 188 -16.09 30.45 15.12
CA LYS A 188 -17.19 30.44 16.04
C LYS A 188 -17.31 28.97 16.44
N ILE A 189 -17.56 28.67 17.70
CA ILE A 189 -17.54 27.26 18.17
C ILE A 189 -18.97 26.83 18.41
N VAL A 190 -19.41 25.75 17.74
CA VAL A 190 -20.81 25.30 17.84
C VAL A 190 -20.80 23.99 18.60
N GLY A 191 -21.74 23.83 19.52
CA GLY A 191 -21.80 22.59 20.25
C GLY A 191 -23.09 22.47 21.01
N ASP A 192 -23.11 21.56 21.97
CA ASP A 192 -24.21 21.50 22.90
C ASP A 192 -24.04 22.64 23.90
N SER A 193 -25.11 23.43 24.09
CA SER A 193 -24.99 24.64 24.89
C SER A 193 -24.52 24.33 26.31
N CYS A 194 -24.96 23.21 26.88
CA CYS A 194 -24.73 22.88 28.28
C CYS A 194 -23.83 21.65 28.46
N MET A 195 -23.08 21.29 27.42
CA MET A 195 -22.23 20.10 27.46
C MET A 195 -20.97 20.34 28.28
N VAL A 196 -20.75 19.49 29.28
CA VAL A 196 -19.57 19.57 30.13
C VAL A 196 -18.45 18.69 29.56
N PHE A 197 -18.67 17.37 29.54
CA PHE A 197 -17.73 16.42 28.96
C PHE A 197 -18.49 15.49 28.02
N GLY A 198 -17.73 14.79 27.18
CA GLY A 198 -18.25 13.65 26.43
C GLY A 198 -18.68 13.93 25.01
N ASP A 199 -18.85 15.19 24.61
CA ASP A 199 -19.52 15.36 23.34
C ASP A 199 -18.46 16.09 22.47
N THR A 200 -18.74 16.34 21.19
CA THR A 200 -17.75 17.01 20.35
C THR A 200 -17.98 18.51 20.32
N LEU A 201 -17.04 19.24 19.71
CA LEU A 201 -17.25 20.65 19.35
C LEU A 201 -16.87 20.87 17.90
N ASP A 202 -17.65 21.68 17.19
CA ASP A 202 -17.35 22.02 15.81
C ASP A 202 -16.84 23.45 15.79
N VAL A 203 -15.66 23.64 15.21
CA VAL A 203 -15.06 24.95 15.01
C VAL A 203 -15.27 25.30 13.54
N MET A 204 -15.94 26.43 13.29
CA MET A 204 -16.41 26.75 11.97
C MET A 204 -15.93 28.11 11.51
N HIS A 205 -15.78 28.25 10.20
CA HIS A 205 -15.52 29.50 9.51
C HIS A 205 -16.66 29.62 8.50
N GLY A 206 -17.72 30.30 8.90
CA GLY A 206 -18.94 30.26 8.10
C GLY A 206 -19.41 28.82 8.01
N ASP A 207 -19.54 28.32 6.79
CA ASP A 207 -20.00 26.96 6.57
C ASP A 207 -18.88 25.94 6.64
N LEU A 208 -17.62 26.36 6.63
CA LEU A 208 -16.49 25.45 6.53
C LEU A 208 -16.07 25.01 7.92
N GLU A 209 -16.18 23.71 8.19
CA GLU A 209 -15.65 23.16 9.42
C GLU A 209 -14.13 23.16 9.37
N LEU A 210 -13.51 23.88 10.28
CA LEU A 210 -12.06 23.80 10.39
C LEU A 210 -11.65 22.61 11.23
N SER A 211 -12.38 22.35 12.30
CA SER A 211 -11.97 21.36 13.29
C SER A 211 -13.19 20.71 13.92
N SER A 212 -13.02 19.45 14.34
CA SER A 212 -13.87 18.83 15.36
C SER A 212 -13.01 18.63 16.59
N ALA A 213 -13.47 19.10 17.73
CA ALA A 213 -12.76 19.02 19.01
C ALA A 213 -13.57 18.22 20.01
N VAL A 214 -12.91 17.61 20.99
CA VAL A 214 -13.56 16.65 21.90
C VAL A 214 -13.19 16.95 23.35
N VAL A 215 -14.19 16.95 24.22
CA VAL A 215 -14.01 17.05 25.67
C VAL A 215 -14.29 15.67 26.25
N GLY A 216 -13.23 14.87 26.40
CA GLY A 216 -13.30 13.56 27.04
C GLY A 216 -13.53 13.65 28.53
N PRO A 217 -13.78 12.49 29.18
CA PRO A 217 -13.75 11.14 28.60
C PRO A 217 -14.94 10.81 27.72
N ILE A 218 -14.73 9.83 26.86
CA ILE A 218 -15.78 9.24 26.04
C ILE A 218 -15.67 7.72 26.17
N PRO A 219 -16.78 6.99 25.95
CA PRO A 219 -16.73 5.52 26.03
C PRO A 219 -15.59 4.88 25.22
N LEU A 220 -15.19 5.48 24.11
CA LEU A 220 -14.14 4.84 23.31
C LEU A 220 -12.84 4.66 24.09
N ASP A 221 -12.59 5.47 25.14
CA ASP A 221 -11.32 5.42 25.88
C ASP A 221 -10.98 4.01 26.37
N ARG A 222 -11.98 3.18 26.68
CA ARG A 222 -11.70 1.83 27.17
C ARG A 222 -10.87 1.03 26.17
N GLU A 223 -11.14 1.18 24.87
CA GLU A 223 -10.49 0.36 23.85
C GLU A 223 -9.01 0.68 23.66
N TRP A 224 -8.52 1.80 24.21
CA TRP A 224 -7.14 2.23 24.05
C TRP A 224 -6.40 2.34 25.38
N GLY A 225 -7.01 1.88 26.47
CA GLY A 225 -6.34 1.85 27.76
C GLY A 225 -6.28 3.17 28.46
N ILE A 226 -7.17 4.10 28.13
CA ILE A 226 -7.17 5.45 28.66
C ILE A 226 -8.27 5.53 29.71
N ASP A 227 -7.90 5.94 30.94
CA ASP A 227 -8.85 6.09 32.04
C ASP A 227 -8.72 7.44 32.73
N LYS A 228 -8.25 8.44 32.02
CA LYS A 228 -8.10 9.80 32.53
C LYS A 228 -8.89 10.76 31.65
N PRO A 229 -9.28 11.94 32.17
CA PRO A 229 -9.84 12.98 31.30
C PRO A 229 -8.80 13.44 30.29
N TRP A 230 -9.30 13.92 29.15
CA TRP A 230 -8.44 14.45 28.11
C TRP A 230 -9.25 15.44 27.30
N ILE A 231 -8.56 16.28 26.52
CA ILE A 231 -9.19 17.14 25.54
C ILE A 231 -8.39 17.05 24.24
N GLY A 232 -9.07 17.23 23.10
CA GLY A 232 -8.36 17.13 21.84
C GLY A 232 -9.10 17.79 20.71
N ALA A 233 -8.34 18.18 19.68
CA ALA A 233 -8.92 18.81 18.50
C ALA A 233 -8.10 18.43 17.28
N GLY A 234 -8.79 18.12 16.19
CA GLY A 234 -8.17 17.79 14.91
C GLY A 234 -8.54 18.83 13.86
N PHE A 235 -7.55 19.23 13.07
CA PHE A 235 -7.63 20.42 12.21
C PHE A 235 -7.08 20.09 10.83
N GLY A 236 -7.63 20.71 9.79
CA GLY A 236 -7.15 20.38 8.46
C GLY A 236 -6.31 21.47 7.82
N LEU A 237 -5.08 21.16 7.40
CA LEU A 237 -4.16 22.27 7.11
C LEU A 237 -4.51 22.91 5.78
N GLU A 238 -4.89 22.07 4.81
CA GLU A 238 -5.38 22.58 3.54
C GLU A 238 -6.62 23.45 3.74
N ARG A 239 -7.51 23.08 4.67
CA ARG A 239 -8.66 23.95 4.95
C ARG A 239 -8.19 25.28 5.55
N LEU A 240 -7.26 25.21 6.50
CA LEU A 240 -6.71 26.44 7.06
C LEU A 240 -6.10 27.30 5.97
N LEU A 241 -5.30 26.69 5.08
CA LEU A 241 -4.69 27.43 3.98
C LEU A 241 -5.76 28.00 3.03
N LYS A 242 -6.84 27.25 2.78
CA LYS A 242 -7.89 27.73 1.88
C LYS A 242 -8.53 29.00 2.41
N VAL A 243 -8.73 29.07 3.73
CA VAL A 243 -9.35 30.25 4.29
C VAL A 243 -8.34 31.40 4.32
N LYS A 244 -7.09 31.11 4.66
CA LYS A 244 -6.09 32.17 4.83
C LYS A 244 -5.77 32.81 3.49
N HIS A 245 -5.78 32.03 2.42
CA HIS A 245 -5.48 32.56 1.10
C HIS A 245 -6.72 32.78 0.25
N ASP A 246 -7.92 32.54 0.78
CA ASP A 246 -9.16 32.80 0.05
C ASP A 246 -9.23 31.96 -1.22
N PHE A 247 -8.75 30.71 -1.13
CA PHE A 247 -8.79 29.84 -2.29
C PHE A 247 -10.24 29.51 -2.58
N LYS A 248 -10.64 29.68 -3.84
CA LYS A 248 -11.95 29.19 -4.23
C LYS A 248 -12.01 27.68 -4.07
N ASN A 249 -10.97 26.98 -4.52
CA ASN A 249 -10.97 25.52 -4.50
C ASN A 249 -9.83 24.96 -3.64
N ILE A 250 -10.16 23.95 -2.81
CA ILE A 250 -9.23 23.45 -1.80
C ILE A 250 -8.06 22.64 -2.39
N LYS A 251 -8.25 22.07 -3.59
CA LYS A 251 -7.17 21.57 -4.44
C LYS A 251 -5.99 22.51 -4.47
N ARG A 252 -6.19 23.83 -4.44
CA ARG A 252 -5.05 24.75 -4.56
C ARG A 252 -4.13 24.72 -3.36
N ALA A 253 -4.60 24.15 -2.23
CA ALA A 253 -3.86 24.04 -0.98
C ALA A 253 -3.19 22.69 -0.78
N ALA A 254 -3.42 21.72 -1.66
CA ALA A 254 -3.00 20.35 -1.40
C ALA A 254 -1.63 20.03 -2.03
N ARG A 255 -1.05 18.93 -1.54
CA ARG A 255 -0.05 18.19 -2.30
C ARG A 255 -0.55 17.98 -3.73
N SER A 256 0.25 18.37 -4.69
CA SER A 256 -0.29 18.40 -6.04
C SER A 256 0.84 18.57 -7.02
N GLU A 257 0.65 18.02 -8.23
CA GLU A 257 1.44 18.42 -9.39
C GLU A 257 0.79 19.52 -10.20
N SER A 258 -0.41 19.98 -9.82
CA SER A 258 -1.17 20.92 -10.62
C SER A 258 -1.04 22.37 -10.15
N TYR A 259 -0.73 22.59 -8.88
CA TYR A 259 -0.68 23.92 -8.32
C TYR A 259 0.50 24.00 -7.38
N TYR A 260 1.30 25.05 -7.53
CA TYR A 260 2.35 25.34 -6.56
C TYR A 260 1.94 26.58 -5.80
N ASN A 261 1.81 26.47 -4.49
CA ASN A 261 1.49 27.60 -3.62
C ASN A 261 0.31 28.42 -4.18
N GLY A 262 -0.73 27.70 -4.60
CA GLY A 262 -1.95 28.29 -5.08
C GLY A 262 -1.94 28.64 -6.54
N ILE A 263 -0.81 28.42 -7.23
CA ILE A 263 -0.59 28.85 -8.61
C ILE A 263 -0.49 27.61 -9.49
N SER A 264 -1.25 27.61 -10.59
CA SER A 264 -1.18 26.51 -11.55
C SER A 264 0.25 26.29 -12.04
N THR A 265 0.59 25.03 -12.26
CA THR A 265 1.87 24.64 -12.82
C THR A 265 1.77 24.35 -14.32
N ASN A 266 0.61 24.59 -14.89
CA ASN A 266 0.39 24.34 -16.31
C ASN A 266 0.34 25.69 -17.01
N LEU A 267 1.53 26.25 -17.22
CA LEU A 267 1.68 27.58 -17.81
C LEU A 267 2.39 27.56 -19.17
N PRO B 1 10.09 -10.86 -20.41
CA PRO B 1 9.72 -10.75 -18.99
C PRO B 1 8.21 -10.73 -18.79
N ALA B 2 7.76 -10.46 -17.55
CA ALA B 2 6.35 -10.41 -17.24
C ALA B 2 5.75 -9.06 -17.67
N LEU B 3 4.44 -8.93 -17.49
CA LEU B 3 3.71 -7.81 -18.06
C LEU B 3 3.74 -6.61 -17.13
N THR B 4 3.77 -5.43 -17.74
CA THR B 4 3.66 -4.18 -17.00
C THR B 4 2.27 -4.09 -16.39
N LYS B 5 1.94 -2.92 -15.85
CA LYS B 5 0.58 -2.74 -15.37
C LYS B 5 -0.34 -2.20 -16.46
N SER B 6 0.17 -1.37 -17.37
CA SER B 6 -0.62 -1.02 -18.55
C SER B 6 -0.89 -2.25 -19.39
N GLN B 7 0.09 -3.16 -19.49
CA GLN B 7 -0.08 -4.38 -20.27
C GLN B 7 -1.08 -5.35 -19.63
N THR B 8 -1.04 -5.51 -18.30
CA THR B 8 -2.13 -6.16 -17.58
C THR B 8 -3.50 -5.60 -17.96
N ASP B 9 -3.72 -4.32 -17.67
CA ASP B 9 -5.03 -3.72 -17.94
C ASP B 9 -5.47 -3.97 -19.36
N ARG B 10 -4.57 -3.80 -20.33
CA ARG B 10 -4.94 -3.91 -21.73
C ARG B 10 -5.44 -5.31 -22.08
N LEU B 11 -4.71 -6.35 -21.63
CA LEU B 11 -5.19 -7.71 -21.83
C LEU B 11 -6.52 -7.97 -21.13
N GLU B 12 -6.76 -7.32 -19.98
CA GLU B 12 -8.01 -7.56 -19.25
C GLU B 12 -9.18 -6.84 -19.90
N VAL B 13 -8.93 -5.70 -20.54
CA VAL B 13 -9.97 -5.09 -21.37
C VAL B 13 -10.34 -6.04 -22.51
N LEU B 14 -9.32 -6.65 -23.15
CA LEU B 14 -9.51 -7.49 -24.33
C LEU B 14 -9.94 -8.92 -24.01
N LEU B 15 -9.89 -9.34 -22.76
CA LEU B 15 -10.25 -10.70 -22.41
C LEU B 15 -11.76 -10.85 -22.23
N ASN B 16 -12.16 -12.06 -21.87
CA ASN B 16 -13.44 -12.77 -21.77
C ASN B 16 -13.22 -14.13 -21.13
N PRO B 17 -14.19 -14.59 -20.33
CA PRO B 17 -13.99 -15.87 -19.63
C PRO B 17 -14.04 -17.05 -20.58
N LYS B 18 -14.79 -16.93 -21.68
CA LYS B 18 -14.79 -17.94 -22.73
C LYS B 18 -13.36 -18.24 -23.21
N ASP B 19 -12.48 -17.25 -23.16
CA ASP B 19 -11.10 -17.44 -23.59
C ASP B 19 -10.41 -18.48 -22.71
N GLU B 20 -9.75 -19.45 -23.35
CA GLU B 20 -8.89 -20.39 -22.65
C GLU B 20 -7.42 -20.05 -22.83
N ILE B 21 -7.10 -18.93 -23.49
CA ILE B 21 -5.71 -18.54 -23.67
C ILE B 21 -5.06 -18.40 -22.29
N SER B 22 -4.02 -19.20 -22.05
CA SER B 22 -3.38 -19.21 -20.74
C SER B 22 -2.60 -17.91 -20.56
N LEU B 23 -3.14 -17.02 -19.75
CA LEU B 23 -2.58 -15.69 -19.49
C LEU B 23 -1.40 -15.69 -18.51
N ASN B 24 -0.52 -16.69 -18.63
CA ASN B 24 0.72 -16.82 -17.85
C ASN B 24 1.59 -17.94 -18.41
N SER B 25 2.58 -17.60 -19.24
CA SER B 25 3.52 -18.58 -19.79
C SER B 25 4.74 -17.82 -20.32
N GLY B 26 5.40 -18.38 -21.33
CA GLY B 26 6.56 -17.75 -21.93
C GLY B 26 6.21 -17.03 -23.20
N LYS B 27 5.13 -16.23 -23.15
CA LYS B 27 4.57 -15.55 -24.30
C LYS B 27 4.68 -14.04 -24.14
N PRO B 28 5.09 -13.32 -25.18
CA PRO B 28 5.26 -11.86 -25.07
C PRO B 28 3.94 -11.11 -25.18
N PHE B 29 4.00 -9.81 -24.87
CA PHE B 29 2.77 -9.03 -24.71
C PHE B 29 2.13 -8.73 -26.07
N ARG B 30 2.90 -8.28 -27.05
CA ARG B 30 2.26 -7.94 -28.31
C ARG B 30 1.70 -9.18 -29.00
N GLU B 31 2.27 -10.37 -28.73
CA GLU B 31 1.68 -11.62 -29.19
C GLU B 31 0.32 -11.84 -28.53
N LEU B 32 0.29 -11.74 -27.21
CA LEU B 32 -0.96 -11.98 -26.50
C LEU B 32 -2.03 -10.97 -26.90
N GLU B 33 -1.67 -9.68 -26.85
CA GLU B 33 -2.58 -8.63 -27.31
C GLU B 33 -3.17 -8.96 -28.67
N SER B 34 -2.35 -9.50 -29.58
CA SER B 34 -2.77 -9.68 -30.96
C SER B 34 -3.80 -10.81 -31.10
N GLU B 35 -3.54 -11.95 -30.47
CA GLU B 35 -4.53 -13.02 -30.51
C GLU B 35 -5.87 -12.54 -29.96
N LEU B 36 -5.84 -11.79 -28.86
CA LEU B 36 -7.08 -11.30 -28.28
C LEU B 36 -7.74 -10.24 -29.15
N LEU B 37 -6.94 -9.33 -29.73
CA LEU B 37 -7.48 -8.39 -30.71
C LEU B 37 -8.06 -9.11 -31.92
N SER B 38 -7.47 -10.25 -32.28
CA SER B 38 -8.03 -11.15 -33.26
C SER B 38 -9.40 -11.69 -32.80
N ARG B 39 -9.42 -12.42 -31.69
CA ARG B 39 -10.67 -12.98 -31.18
C ARG B 39 -11.77 -11.93 -31.05
N ARG B 40 -11.43 -10.75 -30.54
CA ARG B 40 -12.47 -9.77 -30.21
C ARG B 40 -13.03 -9.09 -31.45
N LYS B 41 -12.18 -8.82 -32.45
CA LYS B 41 -12.66 -8.24 -33.70
C LYS B 41 -13.69 -9.16 -34.37
N LYS B 42 -13.43 -10.46 -34.38
CA LYS B 42 -14.35 -11.41 -35.01
C LYS B 42 -15.61 -11.55 -34.22
N ASP B 43 -15.51 -11.36 -32.91
CA ASP B 43 -16.69 -11.35 -32.08
C ASP B 43 -17.64 -10.25 -32.49
N LEU B 44 -17.13 -9.00 -32.67
CA LEU B 44 -17.98 -7.89 -33.11
C LEU B 44 -18.45 -8.04 -34.55
N GLN B 45 -17.57 -8.52 -35.43
CA GLN B 45 -17.97 -8.82 -36.79
C GLN B 45 -19.16 -9.78 -36.78
N GLN B 46 -19.11 -10.84 -35.96
CA GLN B 46 -20.19 -11.82 -36.00
C GLN B 46 -21.49 -11.11 -35.68
N ILE B 47 -21.46 -10.34 -34.57
CA ILE B 47 -22.62 -9.59 -34.09
C ILE B 47 -23.15 -8.65 -35.16
N TYR B 48 -22.25 -7.88 -35.77
CA TYR B 48 -22.62 -7.01 -36.87
C TYR B 48 -23.23 -7.81 -38.03
N ALA B 49 -22.65 -8.96 -38.34
CA ALA B 49 -23.11 -9.76 -39.48
C ALA B 49 -24.46 -10.44 -39.21
N GLU B 50 -24.71 -10.92 -37.97
CA GLU B 50 -25.86 -11.81 -37.74
C GLU B 50 -26.71 -11.51 -36.51
N GLU B 51 -26.25 -10.69 -35.59
CA GLU B 51 -27.05 -10.27 -34.45
C GLU B 51 -27.56 -8.85 -34.58
N ARG B 52 -26.73 -7.89 -34.18
CA ARG B 52 -26.95 -6.45 -34.25
C ARG B 52 -27.83 -5.92 -33.12
N GLU B 53 -28.48 -6.77 -32.33
CA GLU B 53 -29.19 -6.25 -31.15
C GLU B 53 -28.26 -5.99 -29.95
N ASN B 54 -28.41 -4.82 -29.35
CA ASN B 54 -27.66 -4.48 -28.14
C ASN B 54 -28.16 -5.28 -26.94
N TYR B 55 -27.23 -5.77 -26.09
CA TYR B 55 -27.65 -6.62 -24.95
C TYR B 55 -28.64 -5.89 -24.06
N LEU B 56 -28.38 -4.61 -23.79
CA LEU B 56 -29.20 -3.88 -22.83
C LEU B 56 -30.59 -3.61 -23.41
N GLY B 57 -30.68 -3.13 -24.64
CA GLY B 57 -31.99 -2.98 -25.29
C GLY B 57 -32.71 -4.30 -25.50
N LYS B 58 -31.98 -5.35 -25.87
CA LYS B 58 -32.60 -6.65 -26.05
C LYS B 58 -33.16 -7.19 -24.74
N LEU B 59 -32.37 -7.18 -23.67
CA LEU B 59 -32.89 -7.65 -22.39
C LEU B 59 -34.10 -6.84 -21.98
N GLU B 60 -34.04 -5.52 -22.19
CA GLU B 60 -35.17 -4.69 -21.86
C GLU B 60 -36.44 -5.16 -22.57
N ARG B 61 -36.37 -5.43 -23.87
CA ARG B 61 -37.57 -5.83 -24.60
C ARG B 61 -38.12 -7.20 -24.13
N GLU B 62 -37.27 -8.13 -23.71
CA GLU B 62 -37.79 -9.42 -23.28
C GLU B 62 -38.43 -9.32 -21.90
N ILE B 63 -37.89 -8.46 -21.02
CA ILE B 63 -38.49 -8.25 -19.70
C ILE B 63 -39.84 -7.59 -19.83
N THR B 64 -39.96 -6.64 -20.77
CA THR B 64 -41.25 -6.01 -21.06
C THR B 64 -42.28 -7.02 -21.54
N ARG B 65 -41.90 -7.86 -22.52
CA ARG B 65 -42.81 -8.89 -23.03
C ARG B 65 -43.23 -9.85 -21.92
N PHE B 66 -42.29 -10.26 -21.07
CA PHE B 66 -42.66 -11.06 -19.90
C PHE B 66 -43.70 -10.36 -19.05
N PHE B 67 -43.46 -9.10 -18.66
CA PHE B 67 -44.39 -8.52 -17.71
C PHE B 67 -45.71 -8.11 -18.37
N VAL B 68 -45.68 -7.68 -19.64
CA VAL B 68 -46.93 -7.37 -20.34
C VAL B 68 -47.81 -8.62 -20.41
N ASP B 69 -47.17 -9.77 -20.62
CA ASP B 69 -47.90 -11.02 -20.64
C ASP B 69 -48.46 -11.39 -19.28
N ARG B 70 -47.77 -11.07 -18.17
CA ARG B 70 -48.40 -11.30 -16.88
C ARG B 70 -49.48 -10.29 -16.50
N GLY B 71 -49.81 -9.30 -17.34
CA GLY B 71 -50.85 -8.35 -17.01
C GLY B 71 -50.40 -7.06 -16.39
N PHE B 72 -49.11 -6.76 -16.43
CA PHE B 72 -48.62 -5.48 -15.92
C PHE B 72 -48.62 -4.46 -17.06
N LEU B 73 -49.14 -3.28 -16.75
CA LEU B 73 -49.09 -2.14 -17.68
C LEU B 73 -47.66 -1.59 -17.82
N GLU B 74 -47.22 -1.34 -19.06
CA GLU B 74 -45.89 -0.78 -19.30
C GLU B 74 -45.91 0.74 -19.10
N ILE B 75 -45.08 1.24 -18.19
CA ILE B 75 -45.01 2.67 -17.88
C ILE B 75 -43.73 3.22 -18.49
N LYS B 76 -43.83 4.41 -19.10
CA LYS B 76 -42.68 5.23 -19.46
C LYS B 76 -42.88 6.59 -18.80
N SER B 77 -42.17 6.83 -17.71
CA SER B 77 -42.30 8.02 -16.88
C SER B 77 -41.05 8.89 -16.99
N PRO B 78 -41.09 10.13 -16.51
CA PRO B 78 -39.94 11.04 -16.76
C PRO B 78 -38.69 10.54 -16.06
N ILE B 79 -37.54 10.89 -16.65
CA ILE B 79 -36.25 10.61 -16.02
C ILE B 79 -35.78 11.82 -15.22
N LEU B 80 -35.90 13.00 -15.79
CA LEU B 80 -35.72 14.23 -15.04
C LEU B 80 -36.93 14.43 -14.14
N ILE B 81 -36.76 14.37 -12.81
CA ILE B 81 -37.90 14.51 -11.90
C ILE B 81 -37.61 15.56 -10.84
N PRO B 82 -38.66 16.08 -10.20
CA PRO B 82 -38.46 17.13 -9.18
C PRO B 82 -37.65 16.61 -8.01
N LEU B 83 -36.84 17.51 -7.43
CA LEU B 83 -36.04 17.12 -6.29
C LEU B 83 -36.92 16.77 -5.11
N GLU B 84 -38.12 17.36 -5.04
CA GLU B 84 -39.02 17.17 -3.90
C GLU B 84 -39.51 15.73 -3.81
N TYR B 85 -39.59 15.03 -4.94
CA TYR B 85 -39.92 13.60 -4.91
C TYR B 85 -38.91 12.84 -4.07
N ILE B 86 -37.64 13.19 -4.20
CA ILE B 86 -36.59 12.49 -3.45
C ILE B 86 -36.80 12.67 -1.96
N GLU B 87 -36.92 13.93 -1.51
CA GLU B 87 -37.10 14.18 -0.09
C GLU B 87 -38.37 13.54 0.43
N ARG B 88 -39.41 13.47 -0.40
CA ARG B 88 -40.63 12.84 0.06
C ARG B 88 -40.58 11.32 -0.07
N MET B 89 -39.52 10.78 -0.68
CA MET B 89 -39.20 9.36 -0.56
C MET B 89 -38.39 9.08 0.69
N GLY B 90 -38.22 10.04 1.58
CA GLY B 90 -37.49 9.83 2.79
C GLY B 90 -36.00 10.04 2.68
N ILE B 91 -35.52 10.68 1.63
CA ILE B 91 -34.10 10.92 1.48
C ILE B 91 -33.79 12.38 1.76
N ASP B 92 -33.72 12.73 3.04
CA ASP B 92 -33.40 14.11 3.41
C ASP B 92 -31.91 14.38 3.21
N ASN B 93 -31.53 15.66 3.23
CA ASN B 93 -30.17 16.09 2.99
C ASN B 93 -29.17 15.52 4.00
N ASP B 94 -29.65 14.66 4.90
CA ASP B 94 -28.82 13.98 5.89
C ASP B 94 -28.83 12.46 5.70
N THR B 95 -29.18 11.98 4.51
CA THR B 95 -29.29 10.55 4.26
C THR B 95 -28.05 10.13 3.46
N GLU B 96 -27.77 8.82 3.46
CA GLU B 96 -26.65 8.32 2.68
C GLU B 96 -26.90 8.47 1.18
N LEU B 97 -28.14 8.22 0.73
CA LEU B 97 -28.47 8.32 -0.69
C LEU B 97 -28.60 9.76 -1.17
N SER B 98 -28.94 10.69 -0.27
CA SER B 98 -29.13 12.08 -0.66
C SER B 98 -27.89 12.68 -1.29
N LYS B 99 -26.73 12.12 -0.99
CA LYS B 99 -25.46 12.64 -1.43
C LYS B 99 -25.09 12.15 -2.83
N GLN B 100 -25.80 11.15 -3.32
CA GLN B 100 -25.55 10.48 -4.58
C GLN B 100 -26.42 11.03 -5.72
N ILE B 101 -27.19 12.09 -5.46
CA ILE B 101 -28.20 12.60 -6.38
C ILE B 101 -27.53 13.59 -7.34
N PHE B 102 -27.75 13.38 -8.65
CA PHE B 102 -27.34 14.33 -9.67
C PHE B 102 -28.42 15.40 -9.82
N ARG B 103 -28.14 16.61 -9.37
CA ARG B 103 -29.11 17.70 -9.42
C ARG B 103 -28.97 18.45 -10.75
N VAL B 104 -30.09 18.88 -11.31
CA VAL B 104 -30.06 19.38 -12.68
C VAL B 104 -30.23 20.90 -12.79
N ASP B 105 -31.39 21.44 -12.45
CA ASP B 105 -31.41 22.90 -12.38
C ASP B 105 -31.30 23.34 -10.95
N LYS B 106 -32.27 24.09 -10.45
CA LYS B 106 -32.36 24.23 -9.01
C LYS B 106 -33.52 23.45 -8.42
N ASN B 107 -34.38 22.87 -9.26
CA ASN B 107 -35.56 22.12 -8.84
C ASN B 107 -35.47 20.62 -9.10
N PHE B 108 -34.83 20.19 -10.19
CA PHE B 108 -35.00 18.83 -10.66
C PHE B 108 -33.79 17.96 -10.33
N CYS B 109 -33.91 16.67 -10.64
CA CYS B 109 -32.77 15.77 -10.59
C CYS B 109 -32.98 14.61 -11.55
N LEU B 110 -31.88 13.94 -11.87
CA LEU B 110 -31.94 12.62 -12.49
C LEU B 110 -32.40 11.60 -11.44
N ARG B 111 -33.55 10.96 -11.69
CA ARG B 111 -34.11 9.98 -10.75
C ARG B 111 -33.08 8.93 -10.34
N PRO B 112 -32.92 8.64 -9.06
CA PRO B 112 -32.07 7.52 -8.63
C PRO B 112 -32.81 6.19 -8.51
N MET B 113 -34.15 6.24 -8.51
CA MET B 113 -34.97 5.02 -8.46
C MET B 113 -36.31 5.33 -9.13
N LEU B 114 -37.08 4.28 -9.47
CA LEU B 114 -38.36 4.43 -10.15
C LEU B 114 -39.53 4.64 -9.19
N ALA B 115 -39.30 4.55 -7.89
CA ALA B 115 -40.40 4.47 -6.93
C ALA B 115 -41.36 5.67 -6.94
N PRO B 116 -40.90 6.93 -6.95
CA PRO B 116 -41.88 8.03 -6.89
C PRO B 116 -42.85 8.04 -8.07
N ASN B 117 -42.34 7.95 -9.30
CA ASN B 117 -43.23 8.02 -10.46
C ASN B 117 -44.20 6.84 -10.49
N LEU B 118 -43.84 5.73 -9.85
CA LEU B 118 -44.75 4.58 -9.81
C LEU B 118 -45.84 4.73 -8.74
N TYR B 119 -45.48 5.20 -7.53
CA TYR B 119 -46.46 5.84 -6.63
C TYR B 119 -47.52 6.68 -7.32
N ASN B 120 -47.11 7.74 -8.02
CA ASN B 120 -48.12 8.58 -8.67
C ASN B 120 -48.95 7.76 -9.64
N TYR B 121 -48.31 6.90 -10.44
CA TYR B 121 -49.08 6.05 -11.35
C TYR B 121 -50.03 5.12 -10.61
N LEU B 122 -49.53 4.44 -9.56
CA LEU B 122 -50.42 3.62 -8.74
C LEU B 122 -51.62 4.43 -8.27
N ARG B 123 -51.36 5.65 -7.76
CA ARG B 123 -52.44 6.45 -7.19
C ARG B 123 -53.42 6.93 -8.24
N LYS B 124 -52.94 7.36 -9.41
CA LYS B 124 -53.86 7.87 -10.41
C LYS B 124 -54.66 6.75 -11.07
N LEU B 125 -54.00 5.60 -11.33
CA LEU B 125 -54.68 4.50 -12.00
C LEU B 125 -55.72 3.82 -11.13
N ASP B 126 -55.61 3.89 -9.80
CA ASP B 126 -56.62 3.25 -8.95
C ASP B 126 -58.03 3.75 -9.26
N ARG B 127 -58.17 5.03 -9.62
CA ARG B 127 -59.45 5.65 -9.91
C ARG B 127 -59.99 5.32 -11.29
N ALA B 128 -59.31 4.45 -12.05
CA ALA B 128 -59.71 4.10 -13.42
C ALA B 128 -59.65 2.61 -13.73
N LEU B 129 -58.74 1.86 -13.12
CA LEU B 129 -58.42 0.47 -13.43
C LEU B 129 -58.97 -0.44 -12.36
N PRO B 130 -59.43 -1.63 -12.75
CA PRO B 130 -59.91 -2.60 -11.76
C PRO B 130 -58.78 -3.23 -10.97
N ASP B 131 -59.17 -3.79 -9.81
CA ASP B 131 -58.28 -4.46 -8.85
C ASP B 131 -57.92 -5.86 -9.35
N PRO B 132 -56.63 -6.27 -9.28
CA PRO B 132 -55.49 -5.49 -8.77
C PRO B 132 -54.80 -4.59 -9.82
N ILE B 133 -54.18 -3.50 -9.34
CA ILE B 133 -53.40 -2.60 -10.21
C ILE B 133 -52.02 -3.21 -10.41
N LYS B 134 -51.67 -3.52 -11.67
CA LYS B 134 -50.36 -4.09 -12.00
C LYS B 134 -49.62 -3.24 -13.04
N ILE B 135 -48.43 -2.75 -12.68
CA ILE B 135 -47.65 -1.88 -13.54
C ILE B 135 -46.16 -2.21 -13.40
N PHE B 136 -45.36 -1.73 -14.36
CA PHE B 136 -43.91 -1.85 -14.26
C PHE B 136 -43.26 -0.79 -15.15
N GLU B 137 -42.00 -0.47 -14.88
CA GLU B 137 -41.23 0.38 -15.78
C GLU B 137 -39.80 -0.10 -15.82
N ILE B 138 -39.16 0.07 -16.98
CA ILE B 138 -37.75 -0.16 -17.17
C ILE B 138 -37.19 1.15 -17.71
N GLY B 139 -36.07 1.61 -17.14
CA GLY B 139 -35.49 2.83 -17.61
C GLY B 139 -34.27 3.31 -16.85
N PRO B 140 -33.58 4.29 -17.43
CA PRO B 140 -32.36 4.83 -16.79
C PRO B 140 -32.61 5.39 -15.39
N CYS B 141 -31.61 5.20 -14.53
CA CYS B 141 -31.57 5.75 -13.18
C CYS B 141 -30.14 6.14 -12.91
N TYR B 142 -29.94 6.98 -11.90
CA TYR B 142 -28.68 7.72 -11.74
C TYR B 142 -28.35 7.90 -10.27
N ARG B 143 -27.17 7.42 -9.86
CA ARG B 143 -26.64 7.60 -8.52
C ARG B 143 -25.16 7.89 -8.60
N LYS B 144 -24.70 8.83 -7.78
CA LYS B 144 -23.28 9.15 -7.77
C LYS B 144 -22.43 8.02 -7.19
N GLU B 145 -23.02 7.00 -6.59
CA GLU B 145 -22.23 5.83 -6.17
C GLU B 145 -21.79 5.01 -7.39
N SER B 146 -20.47 4.87 -7.55
CA SER B 146 -19.91 3.91 -8.52
C SER B 146 -18.53 3.48 -7.99
N ASP B 147 -18.54 2.56 -7.02
CA ASP B 147 -17.31 1.95 -6.57
C ASP B 147 -16.55 1.29 -7.72
N GLY B 148 -17.26 0.91 -8.77
CA GLY B 148 -16.59 0.37 -9.93
C GLY B 148 -16.99 -1.07 -10.19
N LYS B 149 -16.84 -1.96 -9.22
CA LYS B 149 -17.00 -3.36 -9.58
C LYS B 149 -18.47 -3.74 -9.74
N GLU B 150 -19.38 -3.16 -8.93
CA GLU B 150 -20.73 -3.69 -8.76
C GLU B 150 -21.74 -2.56 -8.90
N HIS B 151 -21.26 -1.31 -8.97
CA HIS B 151 -22.08 -0.12 -9.06
C HIS B 151 -21.71 0.66 -10.31
N LEU B 152 -22.73 1.31 -10.89
CA LEU B 152 -22.61 2.22 -12.01
C LEU B 152 -23.25 3.54 -11.63
N GLU B 153 -22.74 4.63 -12.21
CA GLU B 153 -23.41 5.91 -12.00
C GLU B 153 -24.66 6.04 -12.85
N GLU B 154 -24.67 5.40 -14.02
CA GLU B 154 -25.80 5.41 -14.93
C GLU B 154 -26.20 3.96 -15.19
N PHE B 155 -27.41 3.58 -14.78
CA PHE B 155 -27.80 2.19 -14.87
C PHE B 155 -29.29 2.09 -15.22
N THR B 156 -29.78 0.88 -15.31
CA THR B 156 -31.12 0.64 -15.80
C THR B 156 -31.86 -0.20 -14.80
N MET B 157 -33.04 0.25 -14.41
CA MET B 157 -33.80 -0.40 -13.38
C MET B 157 -35.10 -0.95 -13.97
N LEU B 158 -35.45 -2.17 -13.57
CA LEU B 158 -36.81 -2.69 -13.66
C LEU B 158 -37.49 -2.56 -12.30
N ASP B 159 -38.74 -2.08 -12.30
CA ASP B 159 -39.50 -1.96 -11.08
C ASP B 159 -40.94 -2.27 -11.40
N PHE B 160 -41.49 -3.31 -10.78
CA PHE B 160 -42.88 -3.67 -10.90
C PHE B 160 -43.58 -3.56 -9.55
N SER B 161 -44.88 -3.28 -9.59
CA SER B 161 -45.75 -3.17 -8.41
C SER B 161 -47.11 -3.75 -8.73
N GLN B 162 -47.69 -4.41 -7.75
CA GLN B 162 -49.12 -4.73 -7.73
C GLN B 162 -49.72 -3.99 -6.55
N MET B 163 -50.97 -3.58 -6.68
CA MET B 163 -51.61 -2.83 -5.61
C MET B 163 -53.05 -3.32 -5.48
N GLY B 164 -53.47 -3.59 -4.24
CA GLY B 164 -54.78 -4.14 -3.94
C GLY B 164 -54.74 -5.61 -3.55
N SER B 165 -55.54 -6.43 -4.22
CA SER B 165 -55.63 -7.83 -3.87
C SER B 165 -54.45 -8.61 -4.47
N GLY B 166 -54.10 -9.72 -3.81
CA GLY B 166 -52.94 -10.52 -4.19
C GLY B 166 -51.59 -10.01 -3.71
N CYS B 167 -51.55 -9.11 -2.74
CA CYS B 167 -50.33 -8.43 -2.38
C CYS B 167 -49.66 -9.05 -1.16
N THR B 168 -49.68 -10.37 -1.14
CA THR B 168 -48.95 -11.11 -0.14
C THR B 168 -47.50 -11.30 -0.54
N ARG B 169 -46.73 -11.71 0.44
CA ARG B 169 -45.35 -12.03 0.21
C ARG B 169 -45.18 -13.35 -0.55
N GLU B 170 -46.13 -14.28 -0.39
CA GLU B 170 -46.19 -15.43 -1.29
C GLU B 170 -46.13 -15.00 -2.75
N ASN B 171 -47.07 -14.14 -3.15
CA ASN B 171 -47.19 -13.72 -4.53
C ASN B 171 -45.96 -12.95 -4.99
N LEU B 172 -45.34 -12.17 -4.09
CA LEU B 172 -44.13 -11.45 -4.45
C LEU B 172 -43.00 -12.41 -4.77
N GLU B 173 -42.78 -13.39 -3.89
CA GLU B 173 -41.73 -14.36 -4.16
C GLU B 173 -42.05 -15.17 -5.41
N SER B 174 -43.34 -15.35 -5.69
CA SER B 174 -43.72 -16.14 -6.86
C SER B 174 -43.41 -15.42 -8.17
N ILE B 175 -43.67 -14.12 -8.24
CA ILE B 175 -43.32 -13.36 -9.43
C ILE B 175 -41.80 -13.33 -9.63
N ILE B 176 -41.09 -12.97 -8.56
CA ILE B 176 -39.63 -12.95 -8.57
C ILE B 176 -39.08 -14.29 -9.07
N THR B 177 -39.67 -15.39 -8.60
CA THR B 177 -39.20 -16.73 -8.97
C THR B 177 -39.37 -16.99 -10.48
N ASP B 178 -40.60 -16.85 -10.98
CA ASP B 178 -40.86 -17.01 -12.40
C ASP B 178 -39.98 -16.08 -13.23
N PHE B 179 -39.71 -14.86 -12.72
CA PHE B 179 -38.92 -13.89 -13.48
C PHE B 179 -37.46 -14.35 -13.61
N LEU B 180 -36.86 -14.74 -12.49
CA LEU B 180 -35.47 -15.13 -12.56
C LEU B 180 -35.31 -16.55 -13.09
N ASN B 181 -36.30 -17.43 -12.91
CA ASN B 181 -36.27 -18.69 -13.66
C ASN B 181 -36.31 -18.42 -15.16
N HIS B 182 -37.15 -17.46 -15.58
CA HIS B 182 -37.21 -17.02 -16.98
C HIS B 182 -35.84 -16.61 -17.51
N LEU B 183 -35.08 -15.84 -16.71
CA LEU B 183 -33.78 -15.37 -17.17
C LEU B 183 -32.64 -16.35 -16.90
N GLY B 184 -32.93 -17.55 -16.37
CA GLY B 184 -31.90 -18.53 -16.02
C GLY B 184 -30.92 -18.17 -14.91
N ILE B 185 -31.37 -17.50 -13.84
CA ILE B 185 -30.48 -17.00 -12.78
C ILE B 185 -30.87 -17.63 -11.43
N ASP B 186 -29.92 -18.35 -10.80
CA ASP B 186 -30.14 -18.85 -9.46
C ASP B 186 -30.19 -17.71 -8.43
N PHE B 187 -30.89 -17.93 -7.34
CA PHE B 187 -31.12 -16.87 -6.34
C PHE B 187 -31.58 -17.49 -5.03
N LYS B 188 -31.33 -16.79 -3.90
CA LYS B 188 -32.13 -16.96 -2.70
C LYS B 188 -32.78 -15.64 -2.36
N ILE B 189 -33.84 -15.70 -1.57
CA ILE B 189 -34.52 -14.52 -1.07
C ILE B 189 -34.28 -14.44 0.44
N VAL B 190 -33.63 -13.37 0.88
CA VAL B 190 -33.40 -13.10 2.30
C VAL B 190 -34.31 -11.94 2.68
N GLY B 191 -34.84 -11.98 3.89
CA GLY B 191 -35.86 -11.01 4.27
C GLY B 191 -36.50 -11.40 5.58
N ASP B 192 -37.77 -11.76 5.59
CA ASP B 192 -38.43 -12.44 6.70
C ASP B 192 -38.67 -13.94 6.44
N SER B 193 -39.23 -14.59 7.46
CA SER B 193 -39.86 -15.90 7.32
C SER B 193 -41.25 -15.68 6.78
N CYS B 194 -42.11 -15.33 7.72
CA CYS B 194 -43.51 -15.03 7.51
C CYS B 194 -43.79 -13.59 7.88
N MET B 195 -43.10 -12.60 7.30
CA MET B 195 -43.66 -11.28 7.50
C MET B 195 -44.98 -11.30 6.76
N VAL B 196 -45.98 -10.67 7.36
CA VAL B 196 -47.09 -10.29 6.53
C VAL B 196 -46.61 -9.09 5.72
N PHE B 197 -46.39 -7.97 6.40
CA PHE B 197 -46.28 -6.67 5.75
C PHE B 197 -45.16 -5.83 6.36
N GLY B 198 -44.71 -4.82 5.61
CA GLY B 198 -43.87 -3.78 6.17
C GLY B 198 -42.40 -3.78 5.78
N ASP B 199 -41.75 -4.94 5.84
CA ASP B 199 -40.31 -5.02 5.68
C ASP B 199 -39.95 -5.34 4.22
N THR B 200 -38.66 -5.41 3.91
CA THR B 200 -38.20 -5.66 2.56
C THR B 200 -37.61 -7.06 2.45
N LEU B 201 -37.38 -7.49 1.21
CA LEU B 201 -36.64 -8.72 0.93
C LEU B 201 -35.47 -8.39 0.00
N ASP B 202 -34.40 -9.16 0.12
CA ASP B 202 -33.23 -9.02 -0.73
C ASP B 202 -33.06 -10.28 -1.56
N VAL B 203 -33.06 -10.12 -2.87
CA VAL B 203 -32.85 -11.23 -3.80
C VAL B 203 -31.37 -11.25 -4.16
N MET B 204 -30.71 -12.36 -3.85
CA MET B 204 -29.26 -12.44 -3.91
C MET B 204 -28.79 -13.48 -4.92
N HIS B 205 -27.68 -13.17 -5.57
CA HIS B 205 -26.90 -14.14 -6.34
C HIS B 205 -25.52 -14.17 -5.68
N GLY B 206 -25.30 -15.16 -4.84
CA GLY B 206 -24.09 -15.15 -4.02
C GLY B 206 -24.06 -13.90 -3.18
N ASP B 207 -22.95 -13.17 -3.23
CA ASP B 207 -22.81 -11.90 -2.53
C ASP B 207 -23.56 -10.75 -3.19
N LEU B 208 -24.01 -10.94 -4.44
CA LEU B 208 -24.48 -9.84 -5.29
C LEU B 208 -25.99 -9.65 -5.19
N GLU B 209 -26.40 -8.41 -4.90
CA GLU B 209 -27.82 -8.10 -4.74
C GLU B 209 -28.46 -7.82 -6.09
N LEU B 210 -29.43 -8.67 -6.47
CA LEU B 210 -30.18 -8.44 -7.70
C LEU B 210 -31.30 -7.45 -7.50
N SER B 211 -32.09 -7.64 -6.45
CA SER B 211 -33.28 -6.82 -6.27
C SER B 211 -33.53 -6.55 -4.80
N SER B 212 -34.22 -5.44 -4.54
CA SER B 212 -34.85 -5.18 -3.25
C SER B 212 -36.34 -5.22 -3.49
N ALA B 213 -37.03 -6.14 -2.84
CA ALA B 213 -38.46 -6.28 -2.93
C ALA B 213 -39.08 -5.78 -1.64
N VAL B 214 -40.36 -5.43 -1.69
CA VAL B 214 -41.06 -4.87 -0.55
C VAL B 214 -42.46 -5.48 -0.50
N VAL B 215 -42.92 -5.82 0.70
CA VAL B 215 -44.30 -6.21 0.93
C VAL B 215 -44.95 -5.09 1.71
N GLY B 216 -45.80 -4.31 1.04
CA GLY B 216 -46.49 -3.22 1.68
C GLY B 216 -47.69 -3.70 2.48
N PRO B 217 -48.29 -2.76 3.24
CA PRO B 217 -47.96 -1.33 3.23
C PRO B 217 -46.73 -0.96 4.04
N ILE B 218 -46.20 0.22 3.78
CA ILE B 218 -45.12 0.80 4.57
C ILE B 218 -45.55 2.20 5.00
N PRO B 219 -44.94 2.73 6.07
CA PRO B 219 -45.31 4.07 6.54
C PRO B 219 -45.15 5.16 5.49
N LEU B 220 -44.33 4.96 4.46
CA LEU B 220 -44.12 5.98 3.44
C LEU B 220 -45.34 6.14 2.52
N ASP B 221 -46.25 5.15 2.46
CA ASP B 221 -47.39 5.24 1.55
C ASP B 221 -48.23 6.49 1.81
N ARG B 222 -48.31 6.92 3.08
CA ARG B 222 -49.08 8.11 3.42
C ARG B 222 -48.64 9.30 2.58
N GLU B 223 -47.33 9.54 2.50
CA GLU B 223 -46.78 10.70 1.78
C GLU B 223 -47.17 10.71 0.31
N TRP B 224 -47.53 9.56 -0.27
CA TRP B 224 -47.85 9.48 -1.69
C TRP B 224 -49.33 9.19 -1.94
N GLY B 225 -50.14 9.18 -0.89
CA GLY B 225 -51.56 8.96 -1.08
C GLY B 225 -51.93 7.52 -1.34
N ILE B 226 -51.11 6.59 -0.89
CA ILE B 226 -51.39 5.16 -1.01
C ILE B 226 -51.85 4.65 0.34
N ASP B 227 -52.89 3.83 0.32
CA ASP B 227 -53.43 3.22 1.54
C ASP B 227 -54.21 1.96 1.17
N LYS B 228 -53.60 1.14 0.34
CA LYS B 228 -54.02 -0.21 0.01
C LYS B 228 -52.78 -1.08 0.13
N PRO B 229 -52.95 -2.40 0.23
CA PRO B 229 -51.77 -3.27 0.18
C PRO B 229 -51.08 -3.16 -1.17
N TRP B 230 -49.78 -3.46 -1.18
CA TRP B 230 -49.03 -3.52 -2.43
C TRP B 230 -47.78 -4.37 -2.23
N ILE B 231 -47.17 -4.76 -3.36
CA ILE B 231 -45.89 -5.46 -3.40
C ILE B 231 -45.11 -4.94 -4.60
N GLY B 232 -43.78 -4.91 -4.47
CA GLY B 232 -42.99 -4.46 -5.60
C GLY B 232 -41.54 -4.86 -5.47
N ALA B 233 -40.84 -4.84 -6.62
CA ALA B 233 -39.43 -5.20 -6.65
C ALA B 233 -38.72 -4.38 -7.71
N GLY B 234 -37.48 -3.99 -7.39
CA GLY B 234 -36.64 -3.22 -8.28
C GLY B 234 -35.38 -3.98 -8.62
N PHE B 235 -35.08 -4.14 -9.91
CA PHE B 235 -33.98 -4.95 -10.39
C PHE B 235 -33.06 -4.10 -11.25
N GLY B 236 -31.75 -4.38 -11.20
CA GLY B 236 -30.79 -3.73 -12.07
C GLY B 236 -30.48 -4.60 -13.27
N LEU B 237 -30.77 -4.07 -14.47
CA LEU B 237 -30.56 -4.89 -15.66
C LEU B 237 -29.09 -5.17 -15.90
N GLU B 238 -28.22 -4.18 -15.68
CA GLU B 238 -26.80 -4.41 -15.83
C GLU B 238 -26.28 -5.48 -14.87
N ARG B 239 -26.89 -5.64 -13.69
CA ARG B 239 -26.49 -6.70 -12.79
C ARG B 239 -27.00 -8.05 -13.29
N LEU B 240 -28.22 -8.07 -13.83
CA LEU B 240 -28.70 -9.29 -14.48
C LEU B 240 -27.77 -9.69 -15.61
N LEU B 241 -27.42 -8.74 -16.49
CA LEU B 241 -26.53 -9.05 -17.58
C LEU B 241 -25.18 -9.56 -17.06
N LYS B 242 -24.69 -8.95 -15.97
CA LYS B 242 -23.38 -9.32 -15.44
C LYS B 242 -23.36 -10.77 -14.97
N VAL B 243 -24.44 -11.22 -14.33
CA VAL B 243 -24.51 -12.61 -13.91
C VAL B 243 -24.68 -13.51 -15.12
N LYS B 244 -25.64 -13.20 -16.00
CA LYS B 244 -25.95 -14.05 -17.15
C LYS B 244 -24.74 -14.25 -18.03
N HIS B 245 -23.95 -13.19 -18.26
CA HIS B 245 -22.77 -13.27 -19.12
C HIS B 245 -21.45 -13.43 -18.37
N ASP B 246 -21.50 -13.58 -17.04
CA ASP B 246 -20.29 -13.80 -16.24
C ASP B 246 -19.25 -12.71 -16.51
N PHE B 247 -19.71 -11.45 -16.53
CA PHE B 247 -18.78 -10.35 -16.65
C PHE B 247 -18.03 -10.19 -15.32
N LYS B 248 -16.71 -10.21 -15.40
CA LYS B 248 -15.83 -9.82 -14.31
C LYS B 248 -16.24 -8.44 -13.81
N ASN B 249 -16.61 -7.56 -14.74
CA ASN B 249 -16.77 -6.16 -14.42
C ASN B 249 -18.07 -5.62 -15.00
N ILE B 250 -18.90 -5.03 -14.13
CA ILE B 250 -20.23 -4.59 -14.51
C ILE B 250 -20.20 -3.52 -15.60
N LYS B 251 -19.07 -2.85 -15.82
CA LYS B 251 -19.04 -1.82 -16.86
C LYS B 251 -19.20 -2.43 -18.25
N ARG B 252 -19.02 -3.74 -18.40
CA ARG B 252 -19.17 -4.39 -19.69
C ARG B 252 -20.63 -4.52 -20.09
N ALA B 253 -21.55 -4.30 -19.14
CA ALA B 253 -22.99 -4.40 -19.31
C ALA B 253 -23.69 -3.05 -19.35
N ALA B 254 -22.97 -1.94 -19.24
CA ALA B 254 -23.58 -0.62 -19.18
C ALA B 254 -23.67 0.06 -20.55
N ARG B 255 -24.54 1.08 -20.62
CA ARG B 255 -24.38 2.15 -21.59
C ARG B 255 -22.94 2.63 -21.60
N SER B 256 -22.32 2.67 -22.77
CA SER B 256 -20.88 2.89 -22.77
C SER B 256 -20.44 3.25 -24.17
N GLU B 257 -19.30 3.93 -24.24
CA GLU B 257 -18.52 4.02 -25.47
C GLU B 257 -17.34 3.08 -25.49
N SER B 258 -17.11 2.34 -24.41
CA SER B 258 -15.91 1.51 -24.23
C SER B 258 -16.17 0.02 -24.45
N TYR B 259 -17.43 -0.43 -24.40
CA TYR B 259 -17.77 -1.84 -24.54
C TYR B 259 -19.07 -1.95 -25.32
N TYR B 260 -19.07 -2.76 -26.37
CA TYR B 260 -20.30 -3.11 -27.06
C TYR B 260 -20.60 -4.58 -26.77
N ASN B 261 -21.77 -4.85 -26.19
CA ASN B 261 -22.20 -6.22 -25.88
C ASN B 261 -21.12 -7.03 -25.18
N GLY B 262 -20.44 -6.38 -24.21
CA GLY B 262 -19.40 -7.01 -23.44
C GLY B 262 -18.03 -6.96 -24.08
N ILE B 263 -17.90 -6.37 -25.26
CA ILE B 263 -16.68 -6.40 -26.05
C ILE B 263 -16.13 -4.98 -26.17
N SER B 264 -14.84 -4.82 -25.83
CA SER B 264 -14.19 -3.53 -25.92
C SER B 264 -14.34 -2.96 -27.32
N THR B 265 -14.53 -1.65 -27.39
CA THR B 265 -14.64 -0.88 -28.63
C THR B 265 -13.31 -0.25 -29.03
N ASN B 266 -12.28 -0.38 -28.17
CA ASN B 266 -10.94 0.11 -28.45
C ASN B 266 -10.11 -1.04 -29.03
N LEU B 267 -10.29 -1.30 -30.33
CA LEU B 267 -9.56 -2.37 -30.99
C LEU B 267 -8.61 -1.86 -32.10
N PRO C 1 22.21 -16.13 37.14
CA PRO C 1 22.53 -16.96 35.96
C PRO C 1 22.93 -16.13 34.75
N ALA C 2 22.62 -16.64 33.56
CA ALA C 2 22.94 -15.98 32.29
C ALA C 2 21.66 -15.48 31.64
N LEU C 3 21.69 -14.22 31.22
CA LEU C 3 20.53 -13.51 30.68
C LEU C 3 19.92 -14.28 29.51
N THR C 4 18.64 -14.67 29.62
CA THR C 4 17.95 -15.33 28.51
C THR C 4 17.85 -14.42 27.29
N LYS C 5 17.21 -14.87 26.19
CA LYS C 5 17.13 -13.99 25.02
C LYS C 5 16.13 -12.86 25.22
N SER C 6 14.94 -13.17 25.78
CA SER C 6 13.95 -12.13 26.03
C SER C 6 14.52 -11.06 26.94
N GLN C 7 15.31 -11.48 27.94
CA GLN C 7 15.99 -10.52 28.81
C GLN C 7 17.03 -9.72 28.03
N THR C 8 17.69 -10.36 27.07
CA THR C 8 18.63 -9.65 26.21
C THR C 8 17.92 -8.70 25.27
N ASP C 9 16.88 -9.18 24.57
CA ASP C 9 16.10 -8.30 23.73
C ASP C 9 15.56 -7.12 24.54
N ARG C 10 14.97 -7.40 25.71
CA ARG C 10 14.42 -6.35 26.54
C ARG C 10 15.48 -5.34 26.94
N LEU C 11 16.71 -5.77 27.24
CA LEU C 11 17.70 -4.75 27.60
C LEU C 11 18.17 -4.00 26.37
N GLU C 12 18.30 -4.68 25.22
CA GLU C 12 18.77 -3.99 24.02
C GLU C 12 17.83 -2.85 23.67
N VAL C 13 16.53 -3.05 23.87
CA VAL C 13 15.54 -2.01 23.60
C VAL C 13 15.70 -0.84 24.55
N LEU C 14 16.02 -1.10 25.82
CA LEU C 14 16.17 -0.03 26.79
C LEU C 14 17.55 0.64 26.77
N LEU C 15 18.55 0.05 26.13
CA LEU C 15 19.91 0.58 26.16
C LEU C 15 20.06 1.81 25.25
N ASN C 16 20.85 2.80 25.68
CA ASN C 16 21.25 3.75 24.60
C ASN C 16 22.74 3.74 24.42
N PRO C 17 23.23 4.34 23.29
CA PRO C 17 24.70 4.37 23.06
C PRO C 17 25.49 5.10 24.13
N LYS C 18 24.95 6.18 24.71
CA LYS C 18 25.63 6.89 25.78
C LYS C 18 25.71 6.08 27.07
N ASP C 19 24.96 4.99 27.19
CA ASP C 19 24.96 4.21 28.44
C ASP C 19 26.31 3.56 28.65
N GLU C 20 26.87 3.77 29.84
CA GLU C 20 28.15 3.23 30.25
C GLU C 20 28.02 1.98 31.11
N ILE C 21 26.81 1.65 31.55
CA ILE C 21 26.61 0.63 32.58
C ILE C 21 27.18 -0.72 32.12
N SER C 22 27.75 -1.45 33.08
CA SER C 22 28.39 -2.74 32.84
C SER C 22 27.33 -3.79 32.56
N LEU C 23 27.10 -4.08 31.28
CA LEU C 23 26.07 -5.03 30.87
C LEU C 23 26.59 -6.48 30.95
N ASN C 24 27.49 -6.74 31.90
CA ASN C 24 28.01 -8.08 32.15
C ASN C 24 28.74 -8.16 33.50
N SER C 25 28.02 -8.52 34.56
CA SER C 25 28.63 -8.65 35.88
C SER C 25 27.71 -9.42 36.82
N GLY C 26 27.72 -9.07 38.10
CA GLY C 26 26.94 -9.80 39.06
C GLY C 26 25.48 -9.45 39.19
N LYS C 27 24.99 -8.45 38.45
CA LYS C 27 23.65 -7.93 38.70
C LYS C 27 22.60 -8.77 37.97
N PRO C 28 21.45 -9.04 38.60
CA PRO C 28 20.40 -9.78 37.92
C PRO C 28 19.83 -8.98 36.76
N PHE C 29 19.24 -9.70 35.79
CA PHE C 29 18.52 -9.12 34.67
C PHE C 29 17.77 -7.89 35.12
N ARG C 30 17.38 -7.95 36.37
CA ARG C 30 16.28 -7.18 36.82
C ARG C 30 16.65 -6.00 37.71
N GLU C 31 17.88 -5.92 38.22
CA GLU C 31 18.33 -4.59 38.57
C GLU C 31 18.49 -3.79 37.29
N LEU C 32 19.06 -4.45 36.28
CA LEU C 32 19.55 -3.79 35.09
C LEU C 32 18.42 -3.17 34.30
N GLU C 33 17.33 -3.92 34.14
CA GLU C 33 16.16 -3.38 33.48
C GLU C 33 15.63 -2.18 34.22
N SER C 34 15.50 -2.30 35.55
CA SER C 34 14.99 -1.17 36.35
C SER C 34 15.89 0.05 36.21
N GLU C 35 17.21 -0.15 36.22
CA GLU C 35 18.12 0.98 36.04
C GLU C 35 17.88 1.66 34.69
N LEU C 36 17.86 0.87 33.61
CA LEU C 36 17.65 1.46 32.28
C LEU C 36 16.31 2.15 32.17
N LEU C 37 15.25 1.49 32.65
CA LEU C 37 13.94 2.13 32.73
C LEU C 37 14.03 3.52 33.33
N SER C 38 14.70 3.64 34.48
CA SER C 38 14.82 4.94 35.14
C SER C 38 15.60 5.92 34.27
N ARG C 39 16.62 5.45 33.56
CA ARG C 39 17.35 6.33 32.66
C ARG C 39 16.48 6.77 31.50
N ARG C 40 15.70 5.83 30.93
CA ARG C 40 14.89 6.16 29.76
C ARG C 40 13.73 7.05 30.15
N LYS C 41 13.13 6.80 31.31
CA LYS C 41 12.15 7.74 31.83
C LYS C 41 12.75 9.14 31.99
N LYS C 42 13.98 9.27 32.49
CA LYS C 42 14.43 10.64 32.71
C LYS C 42 14.74 11.29 31.39
N ASP C 43 15.00 10.46 30.36
CA ASP C 43 15.30 10.96 29.02
C ASP C 43 14.05 11.53 28.37
N LEU C 44 12.92 10.82 28.45
CA LEU C 44 11.66 11.38 28.00
C LEU C 44 11.34 12.68 28.72
N GLN C 45 11.38 12.64 30.07
CA GLN C 45 11.07 13.80 30.87
C GLN C 45 11.90 15.01 30.48
N GLN C 46 13.22 14.80 30.30
CA GLN C 46 14.06 15.91 29.87
C GLN C 46 13.66 16.42 28.50
N ILE C 47 13.26 15.50 27.60
CA ILE C 47 12.75 15.90 26.31
C ILE C 47 11.50 16.74 26.48
N TYR C 48 10.56 16.28 27.31
CA TYR C 48 9.30 16.97 27.54
C TYR C 48 9.50 18.33 28.17
N ALA C 49 10.55 18.48 28.98
CA ALA C 49 10.71 19.73 29.71
C ALA C 49 11.43 20.81 28.88
N GLU C 50 12.32 20.43 27.96
CA GLU C 50 13.31 21.36 27.47
C GLU C 50 13.44 21.45 25.96
N GLU C 51 12.88 20.51 25.18
CA GLU C 51 13.13 20.45 23.74
C GLU C 51 11.83 20.29 22.98
N ARG C 52 11.21 19.12 23.14
CA ARG C 52 9.89 18.73 22.66
C ARG C 52 9.79 18.57 21.15
N GLU C 53 10.88 18.72 20.41
CA GLU C 53 10.83 18.49 18.97
C GLU C 53 11.17 17.06 18.62
N ASN C 54 10.43 16.48 17.67
CA ASN C 54 10.73 15.15 17.18
C ASN C 54 11.97 15.18 16.30
N TYR C 55 12.85 14.17 16.43
CA TYR C 55 14.10 14.17 15.68
C TYR C 55 13.87 14.16 14.17
N LEU C 56 12.98 13.26 13.73
CA LEU C 56 12.70 13.13 12.32
C LEU C 56 12.16 14.43 11.76
N GLY C 57 11.26 15.08 12.51
CA GLY C 57 10.70 16.34 12.05
C GLY C 57 11.71 17.46 12.11
N LYS C 58 12.56 17.45 13.14
CA LYS C 58 13.57 18.52 13.26
C LYS C 58 14.56 18.45 12.11
N LEU C 59 15.12 17.26 11.85
CA LEU C 59 16.05 17.10 10.74
C LEU C 59 15.42 17.52 9.41
N GLU C 60 14.13 17.15 9.20
CA GLU C 60 13.40 17.64 8.04
C GLU C 60 13.38 19.17 7.98
N ARG C 61 13.22 19.84 9.12
CA ARG C 61 13.16 21.29 9.03
C ARG C 61 14.53 21.88 8.77
N GLU C 62 15.60 21.17 9.15
CA GLU C 62 16.95 21.69 8.97
C GLU C 62 17.42 21.52 7.51
N ILE C 63 17.10 20.36 6.93
CA ILE C 63 17.41 20.11 5.53
C ILE C 63 16.64 21.09 4.62
N THR C 64 15.34 21.28 4.89
CA THR C 64 14.56 22.29 4.18
C THR C 64 15.27 23.63 4.15
N ARG C 65 15.74 24.11 5.29
CA ARG C 65 16.40 25.41 5.31
C ARG C 65 17.67 25.41 4.46
N PHE C 66 18.43 24.32 4.52
CA PHE C 66 19.67 24.24 3.75
C PHE C 66 19.37 24.45 2.28
N PHE C 67 18.36 23.77 1.74
CA PHE C 67 18.21 23.82 0.28
C PHE C 67 17.49 25.09 -0.17
N VAL C 68 16.47 25.52 0.60
CA VAL C 68 15.81 26.79 0.32
C VAL C 68 16.84 27.93 0.22
N ASP C 69 17.75 28.01 1.21
CA ASP C 69 18.79 29.03 1.25
C ASP C 69 19.83 28.85 0.13
N ARG C 70 19.82 27.70 -0.54
CA ARG C 70 20.70 27.46 -1.68
C ARG C 70 20.00 27.65 -3.02
N GLY C 71 18.82 28.26 -3.03
CA GLY C 71 18.10 28.53 -4.26
C GLY C 71 17.18 27.42 -4.74
N PHE C 72 16.92 26.41 -3.91
CA PHE C 72 16.12 25.25 -4.29
C PHE C 72 14.69 25.43 -3.84
N LEU C 73 13.75 25.13 -4.74
CA LEU C 73 12.33 25.27 -4.47
C LEU C 73 11.82 24.06 -3.67
N GLU C 74 10.99 24.34 -2.67
CA GLU C 74 10.50 23.30 -1.75
C GLU C 74 9.21 22.70 -2.31
N ILE C 75 9.26 21.42 -2.68
CA ILE C 75 8.13 20.73 -3.30
C ILE C 75 7.43 19.86 -2.27
N LYS C 76 6.09 19.95 -2.21
CA LYS C 76 5.26 18.98 -1.47
C LYS C 76 4.30 18.35 -2.49
N SER C 77 4.66 17.19 -3.01
CA SER C 77 3.88 16.47 -4.01
C SER C 77 3.14 15.26 -3.41
N PRO C 78 2.22 14.64 -4.18
CA PRO C 78 1.42 13.52 -3.63
C PRO C 78 2.28 12.34 -3.20
N ILE C 79 1.87 11.74 -2.08
CA ILE C 79 2.47 10.49 -1.60
C ILE C 79 1.83 9.29 -2.32
N LEU C 80 0.52 9.35 -2.55
CA LEU C 80 -0.23 8.36 -3.33
C LEU C 80 -0.10 8.72 -4.81
N ILE C 81 0.57 7.88 -5.59
CA ILE C 81 0.85 8.25 -6.98
C ILE C 81 0.33 7.16 -7.91
N PRO C 82 0.05 7.51 -9.16
CA PRO C 82 -0.38 6.49 -10.12
C PRO C 82 0.65 5.38 -10.27
N LEU C 83 0.14 4.15 -10.40
CA LEU C 83 1.01 3.01 -10.63
C LEU C 83 1.76 3.13 -11.95
N GLU C 84 1.15 3.81 -12.92
CA GLU C 84 1.76 4.09 -14.21
C GLU C 84 3.05 4.92 -14.09
N TYR C 85 3.20 5.71 -13.01
CA TYR C 85 4.46 6.45 -12.80
C TYR C 85 5.61 5.51 -12.52
N ILE C 86 5.33 4.41 -11.81
CA ILE C 86 6.35 3.41 -11.55
C ILE C 86 6.77 2.74 -12.85
N GLU C 87 5.82 2.54 -13.77
CA GLU C 87 6.11 1.90 -15.05
C GLU C 87 7.00 2.76 -15.92
N ARG C 88 6.69 4.06 -16.06
CA ARG C 88 7.63 4.94 -16.77
C ARG C 88 8.92 5.24 -15.99
N MET C 89 9.05 4.82 -14.74
CA MET C 89 10.36 4.86 -14.10
C MET C 89 11.26 3.72 -14.59
N GLY C 90 10.77 2.84 -15.48
CA GLY C 90 11.51 1.66 -15.88
C GLY C 90 11.48 0.51 -14.89
N ILE C 91 10.57 0.53 -13.92
CA ILE C 91 10.44 -0.56 -12.94
C ILE C 91 9.38 -1.50 -13.48
N ASP C 92 9.79 -2.40 -14.37
CA ASP C 92 8.84 -3.36 -14.92
C ASP C 92 8.64 -4.51 -13.95
N ASN C 93 7.53 -5.23 -14.11
CA ASN C 93 7.15 -6.27 -13.17
C ASN C 93 8.02 -7.53 -13.19
N ASP C 94 9.32 -7.36 -13.40
CA ASP C 94 10.31 -8.43 -13.22
C ASP C 94 11.57 -7.94 -12.54
N THR C 95 11.70 -6.64 -12.29
CA THR C 95 12.79 -6.06 -11.53
C THR C 95 12.55 -6.34 -10.03
N GLU C 96 13.56 -6.04 -9.22
CA GLU C 96 13.48 -6.32 -7.79
C GLU C 96 12.78 -5.22 -7.01
N LEU C 97 12.95 -3.96 -7.42
CA LEU C 97 12.10 -2.90 -6.92
C LEU C 97 10.63 -3.11 -7.23
N SER C 98 10.31 -3.91 -8.25
CA SER C 98 8.91 -4.05 -8.66
C SER C 98 8.07 -4.78 -7.61
N LYS C 99 8.69 -5.66 -6.82
CA LYS C 99 7.94 -6.45 -5.85
C LYS C 99 7.77 -5.73 -4.50
N GLN C 100 8.37 -4.54 -4.34
CA GLN C 100 8.33 -3.84 -3.07
C GLN C 100 7.26 -2.74 -3.03
N ILE C 101 6.44 -2.66 -4.07
CA ILE C 101 5.48 -1.58 -4.25
C ILE C 101 4.23 -1.88 -3.44
N PHE C 102 3.87 -0.96 -2.53
CA PHE C 102 2.56 -1.05 -1.88
C PHE C 102 1.53 -0.49 -2.85
N ARG C 103 0.72 -1.36 -3.42
CA ARG C 103 -0.43 -0.98 -4.22
C ARG C 103 -1.62 -0.71 -3.31
N VAL C 104 -2.52 0.16 -3.76
CA VAL C 104 -3.60 0.67 -2.91
C VAL C 104 -4.99 0.21 -3.41
N ASP C 105 -5.48 0.88 -4.47
CA ASP C 105 -6.49 0.51 -5.47
C ASP C 105 -5.97 -0.26 -6.64
N LYS C 106 -6.63 -0.17 -7.79
CA LYS C 106 -6.07 -0.86 -8.91
C LYS C 106 -4.98 -0.03 -9.56
N ASN C 107 -5.06 1.29 -9.43
CA ASN C 107 -4.33 2.19 -10.30
C ASN C 107 -3.28 3.00 -9.58
N PHE C 108 -3.15 2.85 -8.26
CA PHE C 108 -2.33 3.74 -7.46
C PHE C 108 -1.43 2.96 -6.53
N CYS C 109 -0.47 3.65 -5.92
CA CYS C 109 0.45 3.02 -4.99
C CYS C 109 1.04 4.07 -4.07
N LEU C 110 1.60 3.61 -2.96
CA LEU C 110 2.48 4.50 -2.20
C LEU C 110 3.79 4.68 -2.94
N ARG C 111 4.15 5.95 -3.20
CA ARG C 111 5.38 6.25 -3.92
C ARG C 111 6.55 5.56 -3.20
N PRO C 112 7.35 4.76 -3.91
CA PRO C 112 8.58 4.21 -3.31
C PRO C 112 9.76 5.15 -3.41
N MET C 113 9.64 6.22 -4.19
CA MET C 113 10.70 7.16 -4.50
C MET C 113 10.06 8.48 -4.88
N LEU C 114 10.87 9.55 -4.83
CA LEU C 114 10.42 10.91 -5.15
C LEU C 114 10.61 11.27 -6.61
N ALA C 115 11.46 10.52 -7.35
CA ALA C 115 11.87 10.95 -8.69
C ALA C 115 10.70 11.26 -9.62
N PRO C 116 9.65 10.45 -9.72
CA PRO C 116 8.67 10.69 -10.80
C PRO C 116 7.89 11.99 -10.63
N ASN C 117 7.40 12.30 -9.44
CA ASN C 117 6.82 13.62 -9.20
C ASN C 117 7.82 14.73 -9.48
N LEU C 118 9.11 14.50 -9.24
CA LEU C 118 10.12 15.54 -9.46
C LEU C 118 10.41 15.71 -10.94
N TYR C 119 10.37 14.61 -11.71
CA TYR C 119 10.41 14.69 -13.17
C TYR C 119 9.29 15.58 -13.70
N ASN C 120 8.09 15.47 -13.14
CA ASN C 120 6.98 16.26 -13.66
C ASN C 120 7.17 17.74 -13.36
N TYR C 121 7.41 18.09 -12.09
CA TYR C 121 7.71 19.48 -11.72
C TYR C 121 8.81 20.09 -12.59
N LEU C 122 9.90 19.35 -12.80
CA LEU C 122 10.97 19.87 -13.63
C LEU C 122 10.46 20.20 -15.03
N ARG C 123 9.60 19.34 -15.58
CA ARG C 123 9.05 19.61 -16.91
C ARG C 123 8.16 20.84 -16.90
N LYS C 124 7.21 20.93 -15.95
CA LYS C 124 6.31 22.08 -15.90
C LYS C 124 7.03 23.38 -15.53
N LEU C 125 7.96 23.32 -14.55
CA LEU C 125 8.65 24.53 -14.13
C LEU C 125 9.51 25.12 -15.24
N ASP C 126 10.04 24.27 -16.15
CA ASP C 126 10.90 24.74 -17.24
C ASP C 126 10.16 25.70 -18.17
N ARG C 127 8.83 25.75 -18.09
CA ARG C 127 8.04 26.71 -18.85
C ARG C 127 7.91 28.05 -18.15
N ALA C 128 8.31 28.17 -16.87
CA ALA C 128 8.09 29.41 -16.14
C ALA C 128 9.28 29.91 -15.35
N LEU C 129 10.32 29.11 -15.16
CA LEU C 129 11.38 29.59 -14.30
C LEU C 129 12.69 29.67 -15.06
N PRO C 130 13.57 30.61 -14.69
CA PRO C 130 14.83 30.77 -15.42
C PRO C 130 15.82 29.66 -15.10
N ASP C 131 16.74 29.46 -16.03
CA ASP C 131 17.78 28.47 -15.86
C ASP C 131 18.79 28.93 -14.81
N PRO C 132 19.24 28.03 -13.91
CA PRO C 132 18.82 26.63 -13.86
C PRO C 132 17.64 26.39 -12.93
N ILE C 133 16.95 25.27 -13.10
CA ILE C 133 15.82 24.90 -12.25
C ILE C 133 16.36 24.06 -11.12
N LYS C 134 16.18 24.53 -9.88
CA LYS C 134 16.59 23.82 -8.67
C LYS C 134 15.38 23.60 -7.78
N ILE C 135 15.07 22.34 -7.50
CA ILE C 135 13.92 21.96 -6.69
C ILE C 135 14.36 20.83 -5.77
N PHE C 136 13.60 20.67 -4.69
CA PHE C 136 13.79 19.55 -3.78
C PHE C 136 12.47 19.20 -3.08
N GLU C 137 12.35 17.91 -2.68
CA GLU C 137 11.29 17.44 -1.83
C GLU C 137 11.84 16.59 -0.69
N ILE C 138 11.17 16.65 0.44
CA ILE C 138 11.38 15.71 1.53
C ILE C 138 10.02 15.09 1.81
N GLY C 139 9.94 13.77 1.86
CA GLY C 139 8.76 13.21 2.47
C GLY C 139 8.70 11.71 2.48
N PRO C 140 7.56 11.16 2.93
CA PRO C 140 7.44 9.71 3.10
C PRO C 140 7.57 8.96 1.78
N CYS C 141 8.15 7.77 1.87
CA CYS C 141 8.33 6.81 0.79
C CYS C 141 8.26 5.40 1.35
N TYR C 142 7.78 4.45 0.54
CA TYR C 142 7.38 3.11 0.99
C TYR C 142 7.94 2.04 0.07
N ARG C 143 8.38 0.93 0.68
CA ARG C 143 8.94 -0.23 -0.03
C ARG C 143 8.84 -1.45 0.87
N LYS C 144 8.39 -2.57 0.30
CA LYS C 144 8.34 -3.82 1.08
C LYS C 144 9.70 -4.44 1.37
N GLU C 145 10.77 -3.64 1.45
CA GLU C 145 12.02 -4.06 2.07
C GLU C 145 12.03 -3.68 3.54
N SER C 146 12.29 -4.66 4.40
CA SER C 146 12.55 -4.40 5.80
C SER C 146 13.48 -5.50 6.31
N ASP C 147 14.72 -5.50 5.83
CA ASP C 147 15.71 -6.38 6.46
C ASP C 147 16.03 -5.92 7.89
N GLY C 148 15.40 -4.83 8.33
CA GLY C 148 15.40 -4.40 9.71
C GLY C 148 16.62 -3.60 10.12
N LYS C 149 17.78 -3.96 9.57
CA LYS C 149 19.03 -3.37 10.03
C LYS C 149 19.28 -2.01 9.40
N GLU C 150 19.12 -1.91 8.08
CA GLU C 150 19.51 -0.72 7.33
C GLU C 150 18.35 -0.23 6.47
N HIS C 151 17.16 -0.81 6.66
CA HIS C 151 16.07 -0.80 5.69
C HIS C 151 14.74 -0.75 6.44
N LEU C 152 13.89 0.22 6.10
CA LEU C 152 12.56 0.34 6.65
C LEU C 152 11.53 0.16 5.55
N GLU C 153 10.30 -0.18 5.93
CA GLU C 153 9.22 -0.20 4.95
C GLU C 153 8.64 1.19 4.73
N GLU C 154 8.67 2.04 5.77
CA GLU C 154 8.18 3.41 5.72
C GLU C 154 9.31 4.34 6.15
N PHE C 155 9.85 5.10 5.20
CA PHE C 155 11.01 5.92 5.46
C PHE C 155 10.77 7.31 4.85
N THR C 156 11.75 8.18 5.00
CA THR C 156 11.64 9.58 4.58
C THR C 156 12.80 9.90 3.66
N MET C 157 12.49 10.23 2.41
CA MET C 157 13.51 10.60 1.43
C MET C 157 13.65 12.12 1.39
N LEU C 158 14.90 12.55 1.23
CA LEU C 158 15.23 13.84 0.65
C LEU C 158 15.60 13.60 -0.81
N ASP C 159 15.13 14.45 -1.70
CA ASP C 159 15.56 14.37 -3.10
C ASP C 159 15.63 15.79 -3.64
N PHE C 160 16.80 16.17 -4.17
CA PHE C 160 16.98 17.46 -4.83
C PHE C 160 17.44 17.25 -6.27
N SER C 161 17.19 18.26 -7.11
CA SER C 161 17.57 18.21 -8.51
C SER C 161 17.89 19.60 -9.02
N GLN C 162 18.90 19.66 -9.89
CA GLN C 162 19.20 20.84 -10.69
C GLN C 162 19.07 20.44 -12.15
N MET C 163 18.56 21.35 -12.98
CA MET C 163 18.35 21.04 -14.37
C MET C 163 18.67 22.29 -15.19
N GLY C 164 19.49 22.11 -16.22
CA GLY C 164 19.93 23.18 -17.08
C GLY C 164 21.44 23.30 -17.06
N SER C 165 21.92 24.54 -16.96
CA SER C 165 23.34 24.79 -16.85
C SER C 165 23.84 24.44 -15.44
N GLY C 166 25.15 24.34 -15.31
CA GLY C 166 25.79 24.02 -14.05
C GLY C 166 25.71 22.57 -13.60
N CYS C 167 25.18 21.65 -14.42
CA CYS C 167 24.83 20.29 -13.96
C CYS C 167 25.96 19.31 -14.24
N THR C 168 27.05 19.47 -13.49
CA THR C 168 28.22 18.61 -13.57
C THR C 168 28.33 17.75 -12.32
N ARG C 169 29.25 16.77 -12.35
CA ARG C 169 29.41 15.92 -11.17
C ARG C 169 30.17 16.63 -10.07
N GLU C 170 31.18 17.42 -10.42
CA GLU C 170 31.84 18.26 -9.43
C GLU C 170 30.95 19.35 -8.84
N ASN C 171 29.94 19.84 -9.57
CA ASN C 171 28.94 20.66 -8.91
C ASN C 171 28.02 19.81 -8.03
N LEU C 172 27.67 18.61 -8.48
CA LEU C 172 26.83 17.74 -7.67
C LEU C 172 27.56 17.24 -6.43
N GLU C 173 28.85 16.93 -6.57
CA GLU C 173 29.62 16.53 -5.41
C GLU C 173 29.87 17.69 -4.47
N SER C 174 29.78 18.92 -4.97
CA SER C 174 29.96 20.08 -4.12
C SER C 174 28.69 20.40 -3.31
N ILE C 175 27.50 20.09 -3.85
CA ILE C 175 26.26 20.22 -3.08
C ILE C 175 26.21 19.17 -1.97
N ILE C 176 26.56 17.93 -2.29
CA ILE C 176 26.54 16.89 -1.27
C ILE C 176 27.57 17.18 -0.19
N THR C 177 28.71 17.77 -0.57
CA THR C 177 29.76 18.04 0.40
C THR C 177 29.34 19.12 1.40
N ASP C 178 28.73 20.21 0.91
CA ASP C 178 28.23 21.23 1.83
C ASP C 178 27.12 20.69 2.71
N PHE C 179 26.25 19.84 2.15
CA PHE C 179 25.13 19.28 2.89
C PHE C 179 25.61 18.43 4.05
N LEU C 180 26.41 17.40 3.77
CA LEU C 180 26.91 16.54 4.83
C LEU C 180 27.88 17.28 5.77
N ASN C 181 28.66 18.24 5.26
CA ASN C 181 29.48 19.04 6.18
C ASN C 181 28.60 19.86 7.11
N HIS C 182 27.50 20.40 6.60
CA HIS C 182 26.55 21.10 7.47
C HIS C 182 25.89 20.14 8.46
N LEU C 183 25.66 18.90 8.06
CA LEU C 183 25.06 17.95 8.99
C LEU C 183 26.04 17.46 10.04
N GLY C 184 27.34 17.51 9.74
CA GLY C 184 28.34 16.94 10.64
C GLY C 184 28.60 15.46 10.43
N ILE C 185 28.39 14.95 9.21
CA ILE C 185 28.51 13.53 8.90
C ILE C 185 29.61 13.33 7.87
N ASP C 186 30.57 12.48 8.19
CA ASP C 186 31.64 12.16 7.25
C ASP C 186 31.13 11.21 6.15
N PHE C 187 31.80 11.25 4.97
CA PHE C 187 31.43 10.62 3.67
C PHE C 187 32.71 10.63 2.78
N LYS C 188 32.58 10.43 1.43
CA LYS C 188 32.98 9.21 0.73
C LYS C 188 32.01 8.70 -0.35
N ILE C 189 32.28 9.28 -1.54
CA ILE C 189 31.60 9.20 -2.84
C ILE C 189 32.36 8.25 -3.72
N VAL C 190 31.73 7.10 -4.01
CA VAL C 190 32.26 6.07 -4.90
C VAL C 190 31.40 6.06 -6.15
N GLY C 191 32.02 5.66 -7.25
CA GLY C 191 31.33 5.44 -8.50
C GLY C 191 32.29 4.90 -9.55
N ASP C 192 32.05 5.26 -10.80
CA ASP C 192 33.06 5.06 -11.84
C ASP C 192 34.15 6.11 -11.68
N SER C 193 35.36 5.74 -12.11
CA SER C 193 36.51 6.60 -11.89
C SER C 193 36.42 7.87 -12.74
N CYS C 194 36.20 7.71 -14.04
CA CYS C 194 36.28 8.79 -15.01
C CYS C 194 34.90 9.09 -15.63
N MET C 195 33.85 8.96 -14.83
CA MET C 195 32.49 9.17 -15.30
C MET C 195 32.18 10.67 -15.40
N VAL C 196 31.75 11.11 -16.58
CA VAL C 196 31.44 12.52 -16.83
C VAL C 196 29.96 12.73 -16.57
N PHE C 197 29.12 11.98 -17.30
CA PHE C 197 27.66 12.07 -17.16
C PHE C 197 27.04 10.70 -17.44
N GLY C 198 25.86 10.47 -16.87
CA GLY C 198 25.04 9.32 -17.20
C GLY C 198 24.88 8.28 -16.11
N ASP C 199 25.74 8.28 -15.09
CA ASP C 199 25.85 7.13 -14.19
C ASP C 199 25.67 7.59 -12.74
N THR C 200 25.50 6.62 -11.84
CA THR C 200 25.17 6.90 -10.45
C THR C 200 26.39 6.92 -9.56
N LEU C 201 26.35 7.81 -8.56
CA LEU C 201 27.35 7.87 -7.51
C LEU C 201 26.71 7.44 -6.20
N ASP C 202 27.50 6.80 -5.34
CA ASP C 202 27.04 6.43 -4.01
C ASP C 202 27.75 7.31 -2.97
N VAL C 203 26.98 7.78 -2.00
CA VAL C 203 27.52 8.53 -0.87
C VAL C 203 27.56 7.57 0.31
N MET C 204 28.75 7.21 0.78
CA MET C 204 28.91 6.21 1.83
C MET C 204 29.40 6.83 3.13
N HIS C 205 28.86 6.31 4.23
CA HIS C 205 29.41 6.51 5.57
C HIS C 205 29.71 5.11 6.12
N GLY C 206 30.94 4.66 5.95
CA GLY C 206 31.27 3.30 6.31
C GLY C 206 30.70 2.39 5.25
N ASP C 207 30.02 1.34 5.70
CA ASP C 207 29.28 0.43 4.82
C ASP C 207 27.84 0.88 4.61
N LEU C 208 27.47 2.04 5.12
CA LEU C 208 26.11 2.55 5.05
C LEU C 208 26.00 3.51 3.88
N GLU C 209 25.13 3.19 2.93
CA GLU C 209 24.87 4.08 1.81
C GLU C 209 23.93 5.18 2.28
N LEU C 210 24.41 6.41 2.27
CA LEU C 210 23.55 7.53 2.63
C LEU C 210 22.78 8.10 1.46
N SER C 211 23.20 7.84 0.23
CA SER C 211 22.55 8.41 -0.95
C SER C 211 23.07 7.76 -2.21
N SER C 212 22.17 7.61 -3.20
CA SER C 212 22.57 7.41 -4.59
C SER C 212 22.35 8.70 -5.35
N ALA C 213 23.34 9.07 -6.19
CA ALA C 213 23.33 10.35 -6.88
C ALA C 213 23.55 10.14 -8.38
N VAL C 214 22.91 10.99 -9.20
CA VAL C 214 22.87 10.82 -10.65
C VAL C 214 23.33 12.09 -11.37
N VAL C 215 24.20 11.91 -12.36
CA VAL C 215 24.60 12.96 -13.30
C VAL C 215 23.88 12.67 -14.62
N GLY C 216 22.75 13.32 -14.87
CA GLY C 216 22.12 13.23 -16.16
C GLY C 216 22.94 13.87 -17.26
N PRO C 217 22.41 13.92 -18.50
CA PRO C 217 21.14 13.33 -18.93
C PRO C 217 21.21 11.82 -18.86
N ILE C 218 20.07 11.13 -18.76
CA ILE C 218 20.02 9.67 -18.83
C ILE C 218 18.92 9.30 -19.80
N PRO C 219 18.97 8.08 -20.37
CA PRO C 219 17.98 7.73 -21.40
C PRO C 219 16.54 7.79 -20.91
N LEU C 220 16.29 7.56 -19.62
CA LEU C 220 14.95 7.64 -19.03
C LEU C 220 14.31 9.03 -19.16
N ASP C 221 15.10 10.10 -19.34
CA ASP C 221 14.53 11.45 -19.39
C ASP C 221 13.50 11.62 -20.51
N ARG C 222 13.62 10.83 -21.58
CA ARG C 222 12.73 10.97 -22.73
C ARG C 222 11.30 10.59 -22.36
N GLU C 223 11.15 9.55 -21.53
CA GLU C 223 9.84 9.16 -21.04
C GLU C 223 9.13 10.22 -20.21
N TRP C 224 9.86 11.23 -19.70
CA TRP C 224 9.28 12.23 -18.80
C TRP C 224 9.20 13.60 -19.45
N GLY C 225 9.54 13.69 -20.73
CA GLY C 225 9.53 14.97 -21.40
C GLY C 225 10.65 15.86 -20.94
N ILE C 226 11.55 15.34 -20.11
CA ILE C 226 12.74 16.08 -19.73
C ILE C 226 13.76 15.93 -20.86
N ASP C 227 14.07 17.04 -21.49
CA ASP C 227 15.22 17.10 -22.38
C ASP C 227 16.09 18.24 -21.85
N LYS C 228 17.04 17.93 -20.96
CA LYS C 228 18.02 18.88 -20.45
C LYS C 228 19.01 18.13 -19.57
N PRO C 229 20.23 18.63 -19.43
CA PRO C 229 21.13 18.13 -18.40
C PRO C 229 20.52 18.31 -17.01
N TRP C 230 20.90 17.42 -16.09
CA TRP C 230 20.44 17.53 -14.72
C TRP C 230 21.36 16.70 -13.85
N ILE C 231 21.37 17.02 -12.54
CA ILE C 231 22.08 16.27 -11.51
C ILE C 231 21.16 16.18 -10.31
N GLY C 232 21.30 15.11 -9.52
CA GLY C 232 20.44 14.96 -8.37
C GLY C 232 20.86 13.82 -7.49
N ALA C 233 20.24 13.78 -6.30
CA ALA C 233 20.63 12.86 -5.24
C ALA C 233 19.45 12.59 -4.32
N GLY C 234 19.36 11.35 -3.82
CA GLY C 234 18.33 11.02 -2.85
C GLY C 234 18.97 10.55 -1.55
N PHE C 235 18.54 11.09 -0.40
CA PHE C 235 19.06 10.74 0.92
C PHE C 235 17.91 10.25 1.80
N GLY C 236 18.11 9.13 2.50
CA GLY C 236 17.16 8.70 3.52
C GLY C 236 17.43 9.34 4.87
N LEU C 237 16.45 10.06 5.42
CA LEU C 237 16.68 10.81 6.65
C LEU C 237 16.88 9.87 7.84
N GLU C 238 16.28 8.68 7.79
CA GLU C 238 16.47 7.78 8.93
C GLU C 238 17.90 7.29 8.99
N ARG C 239 18.53 7.05 7.84
CA ARG C 239 19.97 6.73 7.87
C ARG C 239 20.79 7.89 8.39
N LEU C 240 20.45 9.13 7.98
CA LEU C 240 21.16 10.28 8.53
C LEU C 240 21.00 10.34 10.04
N LEU C 241 19.76 10.23 10.53
CA LEU C 241 19.53 10.20 11.98
C LEU C 241 20.36 9.08 12.64
N LYS C 242 20.35 7.89 12.04
CA LYS C 242 21.16 6.77 12.54
C LYS C 242 22.62 7.18 12.69
N VAL C 243 23.13 7.99 11.78
CA VAL C 243 24.53 8.37 11.89
C VAL C 243 24.75 9.42 12.99
N LYS C 244 23.95 10.49 13.05
CA LYS C 244 24.23 11.55 14.02
C LYS C 244 24.12 11.03 15.44
N HIS C 245 23.15 10.14 15.69
CA HIS C 245 22.86 9.70 17.05
C HIS C 245 23.40 8.31 17.34
N ASP C 246 24.13 7.70 16.41
CA ASP C 246 24.77 6.42 16.63
C ASP C 246 23.76 5.34 17.04
N PHE C 247 22.61 5.34 16.39
CA PHE C 247 21.61 4.31 16.69
C PHE C 247 22.13 2.95 16.26
N LYS C 248 21.87 1.94 17.08
CA LYS C 248 22.27 0.59 16.66
C LYS C 248 21.34 0.09 15.56
N ASN C 249 20.04 0.26 15.75
CA ASN C 249 19.04 -0.19 14.79
C ASN C 249 18.36 1.03 14.19
N ILE C 250 18.20 1.00 12.86
CA ILE C 250 17.55 2.10 12.13
C ILE C 250 16.11 2.31 12.56
N LYS C 251 15.46 1.31 13.16
CA LYS C 251 14.10 1.52 13.66
C LYS C 251 14.07 2.56 14.76
N ARG C 252 15.22 2.85 15.38
CA ARG C 252 15.26 3.91 16.39
C ARG C 252 15.00 5.28 15.79
N ALA C 253 15.13 5.42 14.47
CA ALA C 253 15.00 6.70 13.77
C ALA C 253 13.69 6.88 13.02
N ALA C 254 12.79 5.90 13.03
CA ALA C 254 11.65 5.92 12.11
C ALA C 254 10.38 6.45 12.77
N ARG C 255 9.42 6.83 11.92
CA ARG C 255 8.04 6.95 12.36
C ARG C 255 7.65 5.69 13.12
N SER C 256 7.15 5.85 14.34
CA SER C 256 6.98 4.67 15.18
C SER C 256 6.10 5.00 16.38
N GLU C 257 5.51 3.92 16.92
CA GLU C 257 4.85 3.88 18.21
C GLU C 257 5.70 3.23 19.30
N SER C 258 6.86 2.68 18.93
CA SER C 258 7.74 1.95 19.83
C SER C 258 8.97 2.74 20.23
N TYR C 259 9.38 3.74 19.44
CA TYR C 259 10.50 4.57 19.83
C TYR C 259 10.17 6.05 19.63
N TYR C 260 10.63 6.89 20.55
CA TYR C 260 10.50 8.34 20.43
C TYR C 260 11.88 8.98 20.59
N ASN C 261 12.36 9.57 19.51
CA ASN C 261 13.71 10.15 19.48
C ASN C 261 14.76 9.12 19.89
N GLY C 262 14.53 7.85 19.51
CA GLY C 262 15.44 6.78 19.87
C GLY C 262 15.23 6.18 21.25
N ILE C 263 14.25 6.66 22.02
CA ILE C 263 13.95 6.10 23.33
C ILE C 263 12.76 5.15 23.21
N SER C 264 12.89 3.96 23.78
CA SER C 264 11.75 3.06 23.89
C SER C 264 10.59 3.75 24.59
N THR C 265 9.40 3.57 24.03
CA THR C 265 8.17 4.07 24.63
C THR C 265 7.41 3.00 25.42
N ASN C 266 8.00 1.81 25.60
CA ASN C 266 7.37 0.74 26.37
C ASN C 266 8.13 0.64 27.68
N LEU C 267 7.86 1.58 28.58
CA LEU C 267 8.52 1.70 29.87
C LEU C 267 7.58 1.35 31.01
N PRO D 1 -15.12 -9.05 13.66
CA PRO D 1 -14.40 -7.88 13.15
C PRO D 1 -13.40 -8.23 12.05
N ALA D 2 -12.25 -7.57 12.07
CA ALA D 2 -11.13 -7.88 11.19
C ALA D 2 -9.94 -8.30 12.04
N LEU D 3 -9.44 -9.49 11.72
CA LEU D 3 -8.30 -10.13 12.34
C LEU D 3 -7.23 -9.12 12.76
N THR D 4 -6.82 -9.19 14.03
CA THR D 4 -5.74 -8.34 14.53
C THR D 4 -4.42 -8.77 13.89
N LYS D 5 -3.30 -8.29 14.41
CA LYS D 5 -2.03 -8.73 13.82
C LYS D 5 -1.56 -10.05 14.42
N SER D 6 -1.52 -10.14 15.76
CA SER D 6 -1.13 -11.39 16.39
C SER D 6 -2.05 -12.54 15.99
N GLN D 7 -3.35 -12.24 15.80
CA GLN D 7 -4.25 -13.26 15.28
C GLN D 7 -3.93 -13.62 13.84
N THR D 8 -3.40 -12.66 13.06
CA THR D 8 -3.01 -12.95 11.70
C THR D 8 -1.74 -13.80 11.65
N ASP D 9 -0.77 -13.49 12.51
CA ASP D 9 0.44 -14.29 12.55
C ASP D 9 0.14 -15.71 13.02
N ARG D 10 -0.64 -15.83 14.11
CA ARG D 10 -1.05 -17.14 14.61
C ARG D 10 -1.78 -17.93 13.56
N LEU D 11 -2.51 -17.25 12.69
CA LEU D 11 -3.13 -17.99 11.59
C LEU D 11 -2.19 -18.45 10.53
N GLU D 12 -1.16 -17.75 10.14
CA GLU D 12 -0.54 -18.41 8.91
C GLU D 12 0.44 -19.45 9.42
N VAL D 13 0.88 -19.32 10.68
CA VAL D 13 1.61 -20.42 11.36
C VAL D 13 0.84 -21.74 11.22
N LEU D 14 -0.43 -21.71 11.58
CA LEU D 14 -1.25 -22.90 11.53
C LEU D 14 -1.67 -23.26 10.10
N LEU D 15 -1.66 -22.31 9.19
CA LEU D 15 -2.14 -22.57 7.84
C LEU D 15 -1.11 -23.36 7.04
N ASN D 16 -1.59 -24.13 6.08
CA ASN D 16 -0.77 -24.84 5.11
C ASN D 16 -1.26 -24.48 3.73
N PRO D 17 -0.49 -24.78 2.69
CA PRO D 17 -0.95 -24.48 1.32
C PRO D 17 -2.16 -25.30 0.93
N LYS D 18 -2.08 -26.62 1.19
CA LYS D 18 -3.15 -27.56 0.87
C LYS D 18 -4.49 -27.17 1.50
N ASP D 19 -4.51 -26.22 2.42
CA ASP D 19 -5.75 -25.76 3.03
C ASP D 19 -6.57 -24.98 2.02
N GLU D 20 -7.77 -25.46 1.72
CA GLU D 20 -8.69 -24.74 0.85
C GLU D 20 -9.58 -23.78 1.63
N ILE D 21 -9.53 -23.83 2.97
CA ILE D 21 -10.52 -23.13 3.79
C ILE D 21 -10.56 -21.65 3.44
N SER D 22 -11.76 -21.16 3.15
CA SER D 22 -11.95 -19.76 2.81
C SER D 22 -11.69 -18.91 4.05
N LEU D 23 -10.50 -18.31 4.11
CA LEU D 23 -10.06 -17.55 5.28
C LEU D 23 -10.58 -16.10 5.28
N ASN D 24 -11.66 -15.81 4.54
CA ASN D 24 -12.21 -14.46 4.43
C ASN D 24 -13.74 -14.53 4.30
N SER D 25 -14.41 -14.85 5.40
CA SER D 25 -15.87 -14.80 5.43
C SER D 25 -16.33 -14.38 6.83
N GLY D 26 -17.49 -14.86 7.27
CA GLY D 26 -18.04 -14.45 8.54
C GLY D 26 -17.66 -15.32 9.72
N LYS D 27 -16.44 -15.93 9.69
CA LYS D 27 -16.05 -16.87 10.72
C LYS D 27 -15.12 -16.21 11.74
N PRO D 28 -15.42 -16.30 13.03
CA PRO D 28 -14.58 -15.65 14.04
C PRO D 28 -13.20 -16.29 14.12
N PHE D 29 -12.30 -15.58 14.78
CA PHE D 29 -10.92 -16.05 14.86
C PHE D 29 -10.77 -17.35 15.64
N ARG D 30 -11.78 -17.80 16.39
CA ARG D 30 -11.60 -19.06 17.10
C ARG D 30 -12.12 -20.24 16.30
N GLU D 31 -13.11 -20.03 15.43
CA GLU D 31 -13.39 -21.05 14.42
C GLU D 31 -12.11 -21.38 13.68
N LEU D 32 -11.47 -20.34 13.14
CA LEU D 32 -10.34 -20.53 12.24
C LEU D 32 -9.18 -21.22 12.95
N GLU D 33 -8.86 -20.76 14.17
CA GLU D 33 -7.74 -21.35 14.89
C GLU D 33 -8.03 -22.78 15.32
N SER D 34 -9.30 -23.11 15.63
CA SER D 34 -9.65 -24.47 16.06
C SER D 34 -9.67 -25.44 14.89
N GLU D 35 -10.21 -25.04 13.74
CA GLU D 35 -10.18 -25.92 12.59
C GLU D 35 -8.74 -26.14 12.12
N LEU D 36 -7.93 -25.08 12.08
CA LEU D 36 -6.54 -25.24 11.67
C LEU D 36 -5.77 -26.10 12.67
N LEU D 37 -6.04 -25.94 13.97
CA LEU D 37 -5.44 -26.80 14.98
C LEU D 37 -5.79 -28.27 14.74
N SER D 38 -7.07 -28.53 14.44
CA SER D 38 -7.50 -29.91 14.25
C SER D 38 -6.84 -30.50 13.00
N ARG D 39 -6.67 -29.69 11.97
CA ARG D 39 -6.04 -30.17 10.74
C ARG D 39 -4.55 -30.46 10.96
N ARG D 40 -3.86 -29.63 11.74
CA ARG D 40 -2.43 -29.84 11.97
C ARG D 40 -2.16 -30.89 13.04
N LYS D 41 -3.10 -31.12 13.96
CA LYS D 41 -2.98 -32.31 14.80
C LYS D 41 -3.14 -33.57 13.98
N LYS D 42 -4.12 -33.59 13.07
CA LYS D 42 -4.25 -34.69 12.12
C LYS D 42 -2.96 -34.95 11.36
N ASP D 43 -2.25 -33.87 11.01
CA ASP D 43 -1.09 -34.02 10.13
C ASP D 43 0.09 -34.65 10.86
N LEU D 44 0.37 -34.21 12.10
CA LEU D 44 1.44 -34.87 12.86
C LEU D 44 1.10 -36.31 13.16
N GLN D 45 -0.16 -36.55 13.54
CA GLN D 45 -0.65 -37.91 13.80
C GLN D 45 -0.55 -38.77 12.57
N GLN D 46 -0.88 -38.22 11.39
CA GLN D 46 -0.64 -38.96 10.16
C GLN D 46 0.84 -39.30 10.02
N ILE D 47 1.71 -38.30 10.23
CA ILE D 47 3.16 -38.50 10.09
C ILE D 47 3.65 -39.53 11.10
N TYR D 48 3.25 -39.36 12.36
CA TYR D 48 3.70 -40.26 13.42
C TYR D 48 3.27 -41.69 13.14
N ALA D 49 2.14 -41.87 12.44
CA ALA D 49 1.60 -43.21 12.27
C ALA D 49 2.27 -43.98 11.14
N GLU D 50 2.57 -43.32 10.01
CA GLU D 50 2.84 -44.06 8.78
C GLU D 50 4.08 -43.61 8.03
N GLU D 51 4.80 -42.60 8.51
CA GLU D 51 6.01 -42.12 7.85
C GLU D 51 7.16 -42.04 8.85
N ARG D 52 7.11 -41.05 9.74
CA ARG D 52 7.98 -40.82 10.88
C ARG D 52 9.37 -40.30 10.51
N GLU D 53 9.66 -40.08 9.23
CA GLU D 53 10.94 -39.56 8.78
C GLU D 53 10.89 -38.04 8.66
N ASN D 54 11.92 -37.38 9.20
CA ASN D 54 12.07 -35.93 9.09
C ASN D 54 12.38 -35.53 7.65
N TYR D 55 11.69 -34.48 7.15
CA TYR D 55 11.88 -34.07 5.75
C TYR D 55 13.34 -33.71 5.46
N LEU D 56 13.96 -32.95 6.37
CA LEU D 56 15.32 -32.53 6.13
C LEU D 56 16.26 -33.73 6.12
N GLY D 57 16.01 -34.70 7.01
CA GLY D 57 16.85 -35.87 7.08
C GLY D 57 16.60 -36.80 5.91
N LYS D 58 15.33 -36.95 5.52
CA LYS D 58 14.99 -37.75 4.36
C LYS D 58 15.66 -37.20 3.09
N LEU D 59 15.48 -35.90 2.82
CA LEU D 59 16.10 -35.29 1.63
C LEU D 59 17.61 -35.46 1.63
N GLU D 60 18.28 -35.27 2.77
CA GLU D 60 19.71 -35.58 2.87
C GLU D 60 20.01 -37.01 2.43
N ARG D 61 19.19 -37.97 2.83
CA ARG D 61 19.50 -39.35 2.45
C ARG D 61 19.31 -39.57 0.96
N GLU D 62 18.35 -38.87 0.35
CA GLU D 62 18.07 -39.06 -1.08
C GLU D 62 19.18 -38.45 -1.93
N ILE D 63 19.65 -37.27 -1.55
CA ILE D 63 20.77 -36.65 -2.26
C ILE D 63 22.04 -37.50 -2.12
N THR D 64 22.36 -37.93 -0.88
CA THR D 64 23.50 -38.83 -0.67
C THR D 64 23.49 -39.99 -1.64
N ARG D 65 22.34 -40.63 -1.81
CA ARG D 65 22.27 -41.78 -2.71
C ARG D 65 22.52 -41.38 -4.16
N PHE D 66 21.98 -40.24 -4.57
CA PHE D 66 22.18 -39.80 -5.95
C PHE D 66 23.65 -39.67 -6.28
N PHE D 67 24.43 -39.03 -5.39
CA PHE D 67 25.82 -38.77 -5.74
C PHE D 67 26.71 -39.99 -5.52
N VAL D 68 26.41 -40.81 -4.51
CA VAL D 68 27.18 -42.04 -4.32
C VAL D 68 27.07 -42.94 -5.56
N ASP D 69 25.86 -43.07 -6.11
CA ASP D 69 25.63 -43.90 -7.30
C ASP D 69 26.22 -43.30 -8.56
N ARG D 70 26.53 -42.00 -8.58
CA ARG D 70 27.21 -41.35 -9.69
C ARG D 70 28.73 -41.34 -9.50
N GLY D 71 29.27 -42.15 -8.61
CA GLY D 71 30.71 -42.21 -8.41
C GLY D 71 31.33 -41.18 -7.49
N PHE D 72 30.55 -40.48 -6.68
CA PHE D 72 31.05 -39.41 -5.80
C PHE D 72 31.24 -39.93 -4.38
N LEU D 73 32.38 -39.59 -3.78
CA LEU D 73 32.69 -40.01 -2.42
C LEU D 73 32.00 -39.12 -1.39
N GLU D 74 31.40 -39.74 -0.37
CA GLU D 74 30.61 -39.03 0.63
C GLU D 74 31.51 -38.52 1.74
N ILE D 75 31.60 -37.18 1.90
CA ILE D 75 32.55 -36.59 2.87
C ILE D 75 31.78 -36.14 4.10
N LYS D 76 32.33 -36.40 5.29
CA LYS D 76 31.79 -35.89 6.56
C LYS D 76 32.94 -35.15 7.25
N SER D 77 33.07 -33.86 6.96
CA SER D 77 34.19 -33.07 7.47
C SER D 77 33.73 -32.19 8.65
N PRO D 78 34.67 -31.51 9.35
CA PRO D 78 34.29 -30.74 10.54
C PRO D 78 33.32 -29.63 10.25
N ILE D 79 32.37 -29.44 11.16
CA ILE D 79 31.53 -28.25 11.13
C ILE D 79 32.22 -27.07 11.82
N LEU D 80 33.01 -27.32 12.85
CA LEU D 80 33.75 -26.26 13.53
C LEU D 80 35.12 -26.17 12.87
N ILE D 81 35.41 -25.05 12.21
CA ILE D 81 36.61 -25.00 11.37
C ILE D 81 37.46 -23.81 11.79
N PRO D 82 38.76 -23.82 11.46
CA PRO D 82 39.61 -22.68 11.80
C PRO D 82 39.12 -21.42 11.12
N LEU D 83 39.26 -20.30 11.83
CA LEU D 83 38.98 -18.99 11.25
C LEU D 83 39.94 -18.68 10.11
N GLU D 84 41.14 -19.28 10.13
CA GLU D 84 42.09 -19.11 9.04
C GLU D 84 41.56 -19.65 7.71
N TYR D 85 40.75 -20.73 7.73
CA TYR D 85 40.15 -21.20 6.48
C TYR D 85 39.30 -20.13 5.84
N ILE D 86 38.67 -19.27 6.65
CA ILE D 86 37.87 -18.19 6.11
C ILE D 86 38.75 -17.15 5.45
N GLU D 87 39.86 -16.79 6.12
CA GLU D 87 40.84 -15.89 5.52
C GLU D 87 41.32 -16.39 4.16
N ARG D 88 41.75 -17.66 4.09
CA ARG D 88 42.31 -18.16 2.84
C ARG D 88 41.26 -18.34 1.75
N MET D 89 39.97 -18.30 2.09
CA MET D 89 38.88 -18.28 1.10
C MET D 89 38.69 -16.91 0.46
N GLY D 90 39.44 -15.90 0.90
CA GLY D 90 39.30 -14.56 0.35
C GLY D 90 38.20 -13.73 0.97
N ILE D 91 37.58 -14.19 2.04
CA ILE D 91 36.60 -13.41 2.78
C ILE D 91 37.34 -12.48 3.74
N ASP D 92 38.03 -11.47 3.22
CA ASP D 92 38.71 -10.50 4.07
C ASP D 92 37.69 -9.76 4.92
N ASN D 93 38.08 -9.42 6.16
CA ASN D 93 37.17 -8.78 7.12
C ASN D 93 36.63 -7.43 6.62
N ASP D 94 36.32 -7.35 5.32
CA ASP D 94 35.68 -6.20 4.68
C ASP D 94 34.65 -6.59 3.63
N THR D 95 34.57 -7.88 3.26
CA THR D 95 33.55 -8.35 2.33
C THR D 95 32.22 -8.50 3.07
N GLU D 96 31.12 -8.41 2.32
CA GLU D 96 29.78 -8.46 2.90
C GLU D 96 29.51 -9.79 3.61
N LEU D 97 30.20 -10.86 3.21
CA LEU D 97 30.12 -12.15 3.88
C LEU D 97 31.04 -12.24 5.09
N SER D 98 32.07 -11.39 5.17
CA SER D 98 32.96 -11.36 6.33
C SER D 98 32.21 -11.08 7.61
N LYS D 99 30.97 -10.67 7.53
CA LYS D 99 30.32 -10.04 8.60
C LYS D 99 29.36 -11.00 9.27
N GLN D 100 29.12 -12.14 8.62
CA GLN D 100 28.15 -13.16 8.98
C GLN D 100 28.77 -14.37 9.68
N ILE D 101 30.05 -14.31 9.99
CA ILE D 101 30.78 -15.45 10.54
C ILE D 101 30.43 -15.60 12.02
N PHE D 102 30.03 -16.80 12.42
CA PHE D 102 29.86 -17.12 13.83
C PHE D 102 31.21 -17.57 14.37
N ARG D 103 31.92 -16.67 15.05
CA ARG D 103 33.17 -17.04 15.69
C ARG D 103 32.87 -17.79 16.98
N VAL D 104 33.74 -18.74 17.32
CA VAL D 104 33.46 -19.58 18.49
C VAL D 104 34.43 -19.28 19.65
N ASP D 105 35.70 -19.70 19.58
CA ASP D 105 36.63 -19.16 20.56
C ASP D 105 37.32 -17.97 19.92
N LYS D 106 38.66 -17.94 19.98
CA LYS D 106 39.39 -16.93 19.22
C LYS D 106 39.70 -17.40 17.81
N ASN D 107 39.92 -18.70 17.62
CA ASN D 107 40.55 -19.19 16.41
C ASN D 107 39.66 -20.03 15.52
N PHE D 108 38.38 -20.21 15.87
CA PHE D 108 37.52 -21.13 15.13
C PHE D 108 36.20 -20.45 14.78
N CYS D 109 35.42 -21.13 13.94
CA CYS D 109 34.09 -20.63 13.61
C CYS D 109 33.21 -21.80 13.19
N LEU D 110 31.91 -21.52 13.15
CA LEU D 110 30.98 -22.37 12.42
C LEU D 110 31.13 -22.11 10.91
N ARG D 111 31.42 -23.15 10.15
CA ARG D 111 31.65 -22.98 8.71
C ARG D 111 30.42 -22.32 8.08
N PRO D 112 30.61 -21.28 7.27
CA PRO D 112 29.47 -20.68 6.55
C PRO D 112 29.19 -21.37 5.24
N MET D 113 30.06 -22.32 4.87
CA MET D 113 30.07 -23.01 3.60
C MET D 113 31.01 -24.20 3.71
N LEU D 114 30.88 -25.10 2.72
CA LEU D 114 31.57 -26.37 2.65
C LEU D 114 32.89 -26.29 1.92
N ALA D 115 33.08 -25.26 1.09
CA ALA D 115 34.19 -25.16 0.15
C ALA D 115 35.55 -25.42 0.76
N PRO D 116 35.94 -24.80 1.88
CA PRO D 116 37.34 -24.95 2.34
C PRO D 116 37.70 -26.37 2.74
N ASN D 117 36.82 -27.10 3.43
CA ASN D 117 37.13 -28.49 3.73
C ASN D 117 37.23 -29.31 2.46
N LEU D 118 36.48 -28.94 1.42
CA LEU D 118 36.47 -29.72 0.18
C LEU D 118 37.73 -29.47 -0.66
N TYR D 119 38.23 -28.23 -0.65
CA TYR D 119 39.55 -27.95 -1.22
C TYR D 119 40.62 -28.85 -0.61
N ASN D 120 40.64 -28.96 0.72
CA ASN D 120 41.66 -29.79 1.37
C ASN D 120 41.51 -31.25 0.96
N TYR D 121 40.28 -31.77 1.00
CA TYR D 121 40.04 -33.15 0.58
C TYR D 121 40.51 -33.38 -0.85
N LEU D 122 40.11 -32.50 -1.77
CA LEU D 122 40.55 -32.65 -3.16
C LEU D 122 42.08 -32.69 -3.24
N ARG D 123 42.76 -31.78 -2.52
CA ARG D 123 44.22 -31.82 -2.52
C ARG D 123 44.75 -33.14 -1.99
N LYS D 124 44.22 -33.60 -0.84
CA LYS D 124 44.68 -34.86 -0.23
C LYS D 124 44.32 -36.08 -1.09
N LEU D 125 43.08 -36.14 -1.59
CA LEU D 125 42.64 -37.32 -2.31
C LEU D 125 43.32 -37.45 -3.67
N ASP D 126 43.65 -36.33 -4.32
CA ASP D 126 44.36 -36.33 -5.60
C ASP D 126 45.64 -37.16 -5.54
N ARG D 127 46.10 -37.47 -4.34
CA ARG D 127 47.37 -38.13 -4.07
C ARG D 127 47.20 -39.64 -3.95
N ALA D 128 45.96 -40.13 -3.84
CA ALA D 128 45.68 -41.55 -3.67
C ALA D 128 44.71 -42.11 -4.69
N LEU D 129 43.86 -41.28 -5.30
CA LEU D 129 42.75 -41.74 -6.11
C LEU D 129 42.94 -41.40 -7.59
N PRO D 130 42.36 -42.19 -8.50
CA PRO D 130 42.53 -41.93 -9.94
C PRO D 130 41.74 -40.70 -10.38
N ASP D 131 42.06 -40.23 -11.58
CA ASP D 131 41.33 -39.14 -12.18
C ASP D 131 40.03 -39.65 -12.80
N PRO D 132 38.92 -38.89 -12.69
CA PRO D 132 38.75 -37.64 -11.94
C PRO D 132 38.27 -37.87 -10.51
N ILE D 133 38.66 -36.96 -9.63
CA ILE D 133 38.25 -37.00 -8.23
C ILE D 133 36.84 -36.43 -8.13
N LYS D 134 35.90 -37.26 -7.67
CA LYS D 134 34.50 -36.86 -7.46
C LYS D 134 34.15 -37.03 -5.98
N ILE D 135 33.88 -35.92 -5.29
CA ILE D 135 33.54 -35.93 -3.87
C ILE D 135 32.35 -34.99 -3.68
N PHE D 136 31.64 -35.17 -2.56
CA PHE D 136 30.55 -34.29 -2.18
C PHE D 136 30.37 -34.30 -0.66
N GLU D 137 29.81 -33.20 -0.14
CA GLU D 137 29.41 -33.15 1.26
C GLU D 137 28.02 -32.53 1.39
N ILE D 138 27.26 -33.03 2.35
CA ILE D 138 26.05 -32.39 2.85
C ILE D 138 26.22 -32.15 4.33
N GLY D 139 25.91 -30.94 4.77
CA GLY D 139 25.75 -30.75 6.20
C GLY D 139 25.55 -29.32 6.62
N PRO D 140 25.47 -29.13 7.94
CA PRO D 140 25.13 -27.81 8.49
C PRO D 140 26.17 -26.74 8.14
N CYS D 141 25.67 -25.51 7.93
CA CYS D 141 26.45 -24.31 7.63
C CYS D 141 25.76 -23.10 8.26
N TYR D 142 26.54 -22.08 8.62
CA TYR D 142 26.07 -21.03 9.52
C TYR D 142 26.45 -19.67 8.99
N ARG D 143 25.51 -18.74 8.97
CA ARG D 143 25.76 -17.35 8.57
C ARG D 143 24.77 -16.44 9.27
N LYS D 144 25.29 -15.35 9.85
CA LYS D 144 24.43 -14.33 10.46
C LYS D 144 23.59 -13.52 9.47
N GLU D 145 23.29 -14.08 8.29
CA GLU D 145 22.28 -13.50 7.41
C GLU D 145 20.94 -14.18 7.70
N SER D 146 19.91 -13.38 8.00
CA SER D 146 18.56 -13.88 8.19
C SER D 146 17.50 -12.80 7.98
N ASP D 147 17.21 -12.46 6.72
CA ASP D 147 16.02 -11.66 6.41
C ASP D 147 14.73 -12.43 6.69
N GLY D 148 14.83 -13.70 7.09
CA GLY D 148 13.70 -14.53 7.42
C GLY D 148 13.04 -15.17 6.23
N LYS D 149 12.87 -14.39 5.15
CA LYS D 149 12.08 -14.86 4.01
C LYS D 149 12.71 -16.08 3.35
N GLU D 150 13.97 -15.96 2.91
CA GLU D 150 14.65 -17.06 2.23
C GLU D 150 16.03 -17.37 2.83
N HIS D 151 16.36 -16.79 3.99
CA HIS D 151 17.66 -16.97 4.62
C HIS D 151 17.49 -17.49 6.04
N LEU D 152 18.32 -18.46 6.40
CA LEU D 152 18.38 -18.96 7.76
C LEU D 152 19.80 -18.75 8.27
N GLU D 153 19.92 -18.64 9.58
CA GLU D 153 21.24 -18.58 10.18
C GLU D 153 21.88 -19.96 10.26
N GLU D 154 21.05 -21.01 10.38
CA GLU D 154 21.49 -22.40 10.44
C GLU D 154 20.83 -23.14 9.27
N PHE D 155 21.62 -23.48 8.25
CA PHE D 155 21.05 -24.12 7.07
C PHE D 155 21.91 -25.33 6.71
N THR D 156 21.50 -26.03 5.66
CA THR D 156 22.12 -27.30 5.27
C THR D 156 22.53 -27.18 3.82
N MET D 157 23.83 -27.29 3.57
CA MET D 157 24.37 -27.24 2.23
C MET D 157 24.67 -28.62 1.71
N LEU D 158 24.29 -28.85 0.45
CA LEU D 158 24.95 -29.83 -0.37
C LEU D 158 26.02 -29.13 -1.22
N ASP D 159 27.19 -29.75 -1.31
CA ASP D 159 28.24 -29.24 -2.18
C ASP D 159 28.94 -30.44 -2.80
N PHE D 160 29.01 -30.49 -4.13
CA PHE D 160 29.76 -31.53 -4.84
C PHE D 160 30.84 -30.90 -5.72
N SER D 161 31.89 -31.67 -5.97
CA SER D 161 33.00 -31.22 -6.79
C SER D 161 33.57 -32.38 -7.59
N GLN D 162 34.06 -32.08 -8.79
CA GLN D 162 34.87 -32.98 -9.61
C GLN D 162 36.18 -32.29 -9.96
N MET D 163 37.25 -33.04 -9.99
CA MET D 163 38.52 -32.42 -10.29
C MET D 163 39.34 -33.36 -11.16
N GLY D 164 39.93 -32.79 -12.21
CA GLY D 164 40.69 -33.53 -13.20
C GLY D 164 40.04 -33.42 -14.56
N SER D 165 40.01 -34.54 -15.27
CA SER D 165 39.33 -34.61 -16.56
C SER D 165 37.82 -34.42 -16.42
N GLY D 166 37.16 -34.12 -17.55
CA GLY D 166 35.72 -34.04 -17.59
C GLY D 166 35.14 -32.79 -16.96
N CYS D 167 35.96 -31.85 -16.50
CA CYS D 167 35.48 -30.67 -15.79
C CYS D 167 35.12 -29.54 -16.74
N THR D 168 34.23 -29.88 -17.66
CA THR D 168 33.64 -28.90 -18.53
C THR D 168 32.32 -28.44 -17.92
N ARG D 169 31.84 -27.31 -18.41
CA ARG D 169 30.52 -26.90 -17.98
C ARG D 169 29.42 -27.62 -18.73
N GLU D 170 29.79 -28.39 -19.76
CA GLU D 170 28.89 -29.41 -20.29
C GLU D 170 28.64 -30.48 -19.25
N ASN D 171 29.63 -30.80 -18.45
CA ASN D 171 29.42 -31.85 -17.49
C ASN D 171 28.76 -31.33 -16.22
N LEU D 172 28.94 -30.05 -15.90
CA LEU D 172 28.42 -29.49 -14.64
C LEU D 172 26.91 -29.35 -14.68
N GLU D 173 26.35 -28.68 -15.69
CA GLU D 173 24.91 -28.60 -15.61
C GLU D 173 24.22 -29.84 -16.16
N SER D 174 25.00 -30.83 -16.59
CA SER D 174 24.42 -32.16 -16.81
C SER D 174 24.20 -32.90 -15.50
N ILE D 175 25.14 -32.74 -14.56
CA ILE D 175 24.93 -33.23 -13.20
C ILE D 175 23.76 -32.50 -12.55
N ILE D 176 23.75 -31.18 -12.68
CA ILE D 176 22.69 -30.38 -12.08
C ILE D 176 21.33 -30.77 -12.67
N THR D 177 21.30 -31.06 -13.99
CA THR D 177 20.05 -31.39 -14.66
C THR D 177 19.49 -32.73 -14.20
N ASP D 178 20.35 -33.77 -14.12
CA ASP D 178 19.88 -35.06 -13.61
C ASP D 178 19.40 -34.93 -12.17
N PHE D 179 20.14 -34.17 -11.35
CA PHE D 179 19.82 -34.00 -9.93
C PHE D 179 18.45 -33.34 -9.74
N LEU D 180 18.25 -32.17 -10.33
CA LEU D 180 16.96 -31.50 -10.14
C LEU D 180 15.83 -32.21 -10.90
N ASN D 181 16.13 -32.87 -12.04
CA ASN D 181 15.15 -33.78 -12.63
C ASN D 181 14.77 -34.86 -11.63
N HIS D 182 15.76 -35.50 -11.00
CA HIS D 182 15.50 -36.55 -10.01
C HIS D 182 14.69 -36.02 -8.84
N LEU D 183 14.85 -34.75 -8.49
CA LEU D 183 14.05 -34.22 -7.39
C LEU D 183 12.69 -33.75 -7.86
N GLY D 184 12.49 -33.60 -9.16
CA GLY D 184 11.26 -33.01 -9.66
C GLY D 184 11.17 -31.52 -9.52
N ILE D 185 12.30 -30.80 -9.66
CA ILE D 185 12.33 -29.36 -9.48
C ILE D 185 12.71 -28.71 -10.81
N ASP D 186 11.86 -27.83 -11.29
CA ASP D 186 12.18 -27.05 -12.48
C ASP D 186 13.20 -25.98 -12.14
N PHE D 187 14.09 -25.70 -13.10
CA PHE D 187 15.23 -24.83 -12.86
C PHE D 187 15.63 -24.14 -14.16
N LYS D 188 16.29 -23.01 -13.99
CA LYS D 188 16.81 -22.19 -15.06
C LYS D 188 18.23 -21.80 -14.62
N ILE D 189 19.18 -21.76 -15.56
CA ILE D 189 20.58 -21.50 -15.21
C ILE D 189 21.03 -20.20 -15.86
N VAL D 190 21.27 -19.18 -15.03
CA VAL D 190 21.69 -17.86 -15.51
C VAL D 190 23.19 -17.71 -15.32
N GLY D 191 23.80 -16.84 -16.11
CA GLY D 191 25.25 -16.74 -16.14
C GLY D 191 25.74 -15.85 -17.27
N ASP D 192 27.06 -15.75 -17.34
CA ASP D 192 27.70 -15.04 -18.44
C ASP D 192 27.59 -15.82 -19.74
N SER D 193 27.35 -15.09 -20.83
CA SER D 193 27.04 -15.72 -22.11
C SER D 193 28.19 -16.60 -22.62
N CYS D 194 29.42 -16.06 -22.67
CA CYS D 194 30.47 -16.58 -23.56
C CYS D 194 31.47 -17.52 -22.88
N MET D 195 31.71 -17.34 -21.59
CA MET D 195 32.64 -18.05 -20.71
C MET D 195 32.85 -19.53 -21.07
N VAL D 196 34.01 -20.09 -20.69
CA VAL D 196 34.28 -21.53 -20.80
C VAL D 196 34.71 -22.09 -19.43
N PHE D 197 35.66 -21.40 -18.78
CA PHE D 197 36.09 -21.70 -17.42
C PHE D 197 36.31 -20.41 -16.65
N GLY D 198 36.17 -20.49 -15.32
CA GLY D 198 36.59 -19.43 -14.42
C GLY D 198 35.47 -18.64 -13.75
N ASP D 199 34.21 -18.83 -14.10
CA ASP D 199 33.12 -17.97 -13.64
C ASP D 199 31.96 -18.81 -13.12
N THR D 200 31.02 -18.14 -12.41
CA THR D 200 29.96 -18.80 -11.68
C THR D 200 28.62 -18.80 -12.42
N LEU D 201 27.86 -19.88 -12.22
CA LEU D 201 26.50 -20.03 -12.71
C LEU D 201 25.55 -20.05 -11.53
N ASP D 202 24.33 -19.52 -11.74
CA ASP D 202 23.28 -19.59 -10.75
C ASP D 202 22.15 -20.48 -11.27
N VAL D 203 21.68 -21.38 -10.41
CA VAL D 203 20.56 -22.26 -10.73
C VAL D 203 19.32 -21.67 -10.08
N MET D 204 18.35 -21.26 -10.90
CA MET D 204 17.17 -20.55 -10.42
C MET D 204 15.89 -21.37 -10.56
N HIS D 205 15.09 -21.33 -9.50
CA HIS D 205 13.67 -21.64 -9.57
C HIS D 205 12.92 -20.34 -9.30
N GLY D 206 12.28 -19.79 -10.34
CA GLY D 206 11.67 -18.48 -10.19
C GLY D 206 12.73 -17.46 -9.86
N ASP D 207 12.47 -16.63 -8.85
CA ASP D 207 13.47 -15.71 -8.36
C ASP D 207 14.27 -16.29 -7.19
N LEU D 208 13.95 -17.50 -6.76
CA LEU D 208 14.66 -18.17 -5.67
C LEU D 208 15.92 -18.84 -6.20
N GLU D 209 17.07 -18.48 -5.63
CA GLU D 209 18.34 -19.09 -6.04
C GLU D 209 18.53 -20.44 -5.34
N LEU D 210 18.66 -21.51 -6.13
CA LEU D 210 18.87 -22.83 -5.55
C LEU D 210 20.33 -23.14 -5.34
N SER D 211 21.17 -22.77 -6.29
CA SER D 211 22.58 -23.11 -6.24
C SER D 211 23.42 -22.05 -6.92
N SER D 212 24.61 -21.85 -6.38
CA SER D 212 25.68 -21.22 -7.12
C SER D 212 26.63 -22.32 -7.56
N ALA D 213 27.07 -22.24 -8.80
CA ALA D 213 27.89 -23.27 -9.40
C ALA D 213 29.09 -22.60 -10.03
N VAL D 214 30.23 -23.29 -10.00
CA VAL D 214 31.50 -22.76 -10.50
C VAL D 214 32.11 -23.72 -11.49
N VAL D 215 32.63 -23.18 -12.59
CA VAL D 215 33.49 -23.89 -13.53
C VAL D 215 34.91 -23.38 -13.31
N GLY D 216 35.76 -24.18 -12.67
CA GLY D 216 37.14 -23.81 -12.48
C GLY D 216 38.01 -24.07 -13.70
N PRO D 217 39.33 -23.89 -13.58
CA PRO D 217 40.08 -23.39 -12.41
C PRO D 217 39.75 -21.94 -12.07
N ILE D 218 40.03 -21.51 -10.84
CA ILE D 218 39.89 -20.10 -10.47
C ILE D 218 41.14 -19.67 -9.73
N PRO D 219 41.42 -18.36 -9.68
CA PRO D 219 42.66 -17.91 -9.01
C PRO D 219 42.77 -18.36 -7.56
N LEU D 220 41.64 -18.54 -6.86
CA LEU D 220 41.69 -18.99 -5.47
C LEU D 220 42.35 -20.35 -5.32
N ASP D 221 42.29 -21.20 -6.35
CA ASP D 221 42.80 -22.57 -6.22
C ASP D 221 44.23 -22.61 -5.68
N ARG D 222 45.06 -21.63 -6.05
CA ARG D 222 46.46 -21.69 -5.63
C ARG D 222 46.62 -21.50 -4.12
N GLU D 223 45.70 -20.77 -3.47
CA GLU D 223 45.77 -20.67 -2.03
C GLU D 223 45.49 -22.00 -1.35
N TRP D 224 44.95 -22.99 -2.08
CA TRP D 224 44.59 -24.28 -1.51
C TRP D 224 45.36 -25.44 -2.11
N GLY D 225 46.36 -25.15 -2.94
CA GLY D 225 47.19 -26.21 -3.46
C GLY D 225 46.56 -27.01 -4.57
N ILE D 226 45.46 -26.52 -5.14
CA ILE D 226 44.81 -27.12 -6.30
C ILE D 226 45.45 -26.54 -7.56
N ASP D 227 45.96 -27.42 -8.44
CA ASP D 227 46.46 -27.00 -9.75
C ASP D 227 45.76 -27.70 -10.92
N LYS D 228 44.52 -28.16 -10.73
CA LYS D 228 43.81 -28.92 -11.75
C LYS D 228 42.45 -28.28 -12.02
N PRO D 229 41.88 -28.51 -13.22
CA PRO D 229 40.52 -28.04 -13.46
C PRO D 229 39.50 -28.69 -12.52
N TRP D 230 38.42 -27.98 -12.27
CA TRP D 230 37.39 -28.51 -11.39
C TRP D 230 36.07 -27.79 -11.67
N ILE D 231 34.99 -28.47 -11.34
CA ILE D 231 33.64 -27.93 -11.40
C ILE D 231 32.97 -28.26 -10.09
N GLY D 232 32.07 -27.38 -9.62
CA GLY D 232 31.41 -27.59 -8.36
C GLY D 232 30.13 -26.81 -8.25
N ALA D 233 29.27 -27.23 -7.31
CA ALA D 233 28.00 -26.56 -7.07
C ALA D 233 27.56 -26.78 -5.63
N GLY D 234 27.00 -25.73 -5.02
CA GLY D 234 26.43 -25.80 -3.69
C GLY D 234 24.94 -25.53 -3.75
N PHE D 235 24.16 -26.42 -3.12
CA PHE D 235 22.69 -26.36 -3.05
C PHE D 235 22.28 -26.27 -1.59
N GLY D 236 21.20 -25.53 -1.34
CA GLY D 236 20.61 -25.43 -0.01
C GLY D 236 19.41 -26.35 0.10
N LEU D 237 19.51 -27.31 1.02
CA LEU D 237 18.43 -28.29 1.15
C LEU D 237 17.13 -27.61 1.59
N GLU D 238 17.22 -26.61 2.47
CA GLU D 238 16.00 -25.97 2.95
C GLU D 238 15.27 -25.25 1.83
N ARG D 239 16.02 -24.72 0.85
CA ARG D 239 15.38 -24.10 -0.31
C ARG D 239 14.80 -25.15 -1.23
N LEU D 240 15.54 -26.23 -1.50
CA LEU D 240 14.95 -27.37 -2.18
C LEU D 240 13.65 -27.81 -1.51
N LEU D 241 13.69 -27.99 -0.18
CA LEU D 241 12.47 -28.36 0.55
C LEU D 241 11.36 -27.31 0.38
N LYS D 242 11.72 -26.02 0.43
CA LYS D 242 10.75 -24.95 0.19
C LYS D 242 10.02 -25.15 -1.13
N VAL D 243 10.77 -25.49 -2.19
CA VAL D 243 10.15 -25.66 -3.51
C VAL D 243 9.31 -26.93 -3.55
N LYS D 244 9.87 -28.06 -3.12
CA LYS D 244 9.15 -29.34 -3.15
C LYS D 244 7.82 -29.27 -2.41
N HIS D 245 7.82 -28.70 -1.22
CA HIS D 245 6.63 -28.74 -0.39
C HIS D 245 5.84 -27.43 -0.45
N ASP D 246 6.25 -26.52 -1.32
CA ASP D 246 5.61 -25.21 -1.50
C ASP D 246 5.33 -24.56 -0.14
N PHE D 247 6.38 -24.44 0.66
CA PHE D 247 6.25 -23.74 1.93
C PHE D 247 6.20 -22.25 1.66
N LYS D 248 5.31 -21.56 2.36
CA LYS D 248 5.27 -20.11 2.21
C LYS D 248 6.56 -19.51 2.73
N ASN D 249 7.07 -20.03 3.85
CA ASN D 249 8.24 -19.48 4.50
C ASN D 249 9.29 -20.57 4.69
N ILE D 250 10.55 -20.19 4.52
CA ILE D 250 11.67 -21.13 4.59
C ILE D 250 11.91 -21.66 5.99
N LYS D 251 11.45 -20.95 7.03
CA LYS D 251 11.58 -21.52 8.37
C LYS D 251 10.81 -22.82 8.50
N ARG D 252 9.89 -23.11 7.58
CA ARG D 252 9.17 -24.37 7.64
C ARG D 252 10.02 -25.56 7.22
N ALA D 253 11.16 -25.31 6.59
CA ALA D 253 12.05 -26.37 6.14
C ALA D 253 13.29 -26.53 7.02
N ALA D 254 13.44 -25.73 8.08
CA ALA D 254 14.68 -25.65 8.84
C ALA D 254 14.69 -26.58 10.05
N ARG D 255 15.91 -26.91 10.53
CA ARG D 255 16.08 -27.38 11.90
C ARG D 255 15.34 -26.44 12.83
N SER D 256 14.42 -26.96 13.61
CA SER D 256 13.56 -26.08 14.37
C SER D 256 12.95 -26.82 15.55
N GLU D 257 12.64 -26.08 16.61
CA GLU D 257 11.72 -26.48 17.66
C GLU D 257 10.30 -25.96 17.43
N SER D 258 10.07 -25.13 16.40
CA SER D 258 8.76 -24.54 16.14
C SER D 258 8.04 -25.17 14.96
N TYR D 259 8.74 -25.85 14.05
CA TYR D 259 8.09 -26.50 12.92
C TYR D 259 8.59 -27.94 12.76
N TYR D 260 7.68 -28.85 12.49
CA TYR D 260 8.05 -30.24 12.20
C TYR D 260 7.52 -30.61 10.83
N ASN D 261 8.43 -30.86 9.88
CA ASN D 261 8.05 -31.17 8.51
C ASN D 261 7.14 -30.07 7.96
N GLY D 262 7.33 -28.84 8.42
CA GLY D 262 6.54 -27.71 7.98
C GLY D 262 5.27 -27.48 8.77
N ILE D 263 5.05 -28.23 9.84
CA ILE D 263 3.83 -28.15 10.62
C ILE D 263 4.19 -27.58 11.98
N SER D 264 3.35 -26.65 12.46
CA SER D 264 3.59 -26.02 13.74
C SER D 264 3.59 -27.05 14.86
N THR D 265 4.58 -26.94 15.74
CA THR D 265 4.64 -27.75 16.94
C THR D 265 3.95 -27.08 18.13
N ASN D 266 3.44 -25.86 17.97
CA ASN D 266 2.77 -25.15 19.05
C ASN D 266 1.27 -25.31 18.89
N LEU D 267 0.82 -26.54 19.12
CA LEU D 267 -0.59 -26.90 18.92
C LEU D 267 -1.29 -27.10 20.23
PG ANP E . -15.92 16.52 7.66
O1G ANP E . -17.38 16.14 7.55
O2G ANP E . -15.05 15.33 7.06
O3G ANP E . -15.70 17.86 6.83
PB ANP E . -15.04 15.32 10.02
O1B ANP E . -15.51 15.26 11.44
O2B ANP E . -15.61 14.12 9.20
N3B ANP E . -15.51 16.76 9.30
PA ANP E . -12.68 14.80 11.34
O1A ANP E . -12.57 13.33 11.47
O2A ANP E . -13.37 15.45 12.55
O3A ANP E . -13.47 15.25 10.03
O5' ANP E . -11.21 15.37 11.02
C5' ANP E . -10.60 16.55 11.60
C4' ANP E . -10.44 17.64 10.57
O4' ANP E . -9.76 17.15 9.40
C3' ANP E . -11.73 18.26 10.04
O3' ANP E . -12.14 19.31 10.91
C2' ANP E . -11.29 18.82 8.68
O2' ANP E . -10.77 20.13 8.83
C1' ANP E . -10.15 17.88 8.26
N9 ANP E . -10.51 16.95 7.20
C8 ANP E . -11.18 15.76 7.35
N7 ANP E . -11.39 15.11 6.23
C5 ANP E . -10.83 15.96 5.26
C6 ANP E . -10.71 15.84 3.86
N6 ANP E . -11.18 14.80 3.16
N1 ANP E . -10.09 16.84 3.20
C2 ANP E . -9.62 17.88 3.90
N3 ANP E . -9.68 18.10 5.23
C4 ANP E . -10.28 17.08 5.86
CL 2L5 F . -6.88 14.36 20.29
C15 2L5 F . -6.95 12.60 20.62
C19 2L5 F . -6.44 12.03 21.79
C18 2L5 F . -6.52 10.67 21.99
C17 2L5 F . -7.14 9.91 21.03
C16 2L5 F . -7.67 10.47 19.88
C14 2L5 F . -7.58 11.84 19.65
C13 2L5 F . -8.15 12.53 18.42
CA 2L5 F . -9.67 12.72 18.63
N 2L5 F . -10.46 11.45 18.53
C 2L5 F . -10.22 13.88 17.80
O 2L5 F . -10.06 15.07 18.20
OXT 2L5 F . -10.81 13.61 16.74
PG ANP G . -27.17 -1.61 -3.22
O1G ANP G . -26.88 -1.55 -1.75
O2G ANP G . -26.83 -0.19 -3.86
O3G ANP G . -26.29 -2.74 -3.89
PB ANP G . -29.86 -0.70 -3.14
O1B ANP G . -30.83 -1.04 -2.05
O2B ANP G . -29.06 0.59 -2.80
N3B ANP G . -28.82 -2.00 -3.41
PA ANP G . -32.18 -0.13 -4.58
O1A ANP G . -32.43 1.29 -4.22
O2A ANP G . -32.96 -1.11 -3.69
O3A ANP G . -30.62 -0.48 -4.47
O5' ANP G . -32.44 -0.36 -6.15
C5' ANP G . -32.85 -1.64 -6.71
C4' ANP G . -31.78 -2.36 -7.51
O4' ANP G . -31.13 -1.46 -8.44
C3' ANP G . -30.64 -3.00 -6.74
O3' ANP G . -31.02 -4.28 -6.23
C2' ANP G . -29.58 -3.16 -7.82
O2' ANP G . -29.81 -4.31 -8.61
C1' ANP G . -29.82 -1.94 -8.70
N9 ANP G . -28.88 -0.85 -8.49
C8 ANP G . -28.90 0.09 -7.48
N7 ANP G . -27.92 0.95 -7.52
C5 ANP G . -27.17 0.55 -8.61
C6 ANP G . -26.01 1.07 -9.22
N6 ANP G . -25.35 2.15 -8.74
N1 ANP G . -25.53 0.45 -10.33
C2 ANP G . -26.19 -0.62 -10.79
N3 ANP G . -27.30 -1.19 -10.31
C4 ANP G . -27.75 -0.55 -9.23
CL 2L5 H . -42.72 -0.84 -6.88
C15 2L5 H . -43.06 0.70 -6.04
C19 2L5 H . -44.34 1.23 -6.07
C18 2L5 H . -44.59 2.42 -5.43
C17 2L5 H . -43.57 3.03 -4.75
C16 2L5 H . -42.31 2.48 -4.69
C14 2L5 H . -42.04 1.32 -5.36
C13 2L5 H . -40.66 0.71 -5.30
CA 2L5 H . -40.40 0.28 -3.86
N 2L5 H . -40.06 1.43 -2.95
C 2L5 H . -39.39 -0.86 -3.87
O 2L5 H . -38.29 -0.73 -3.28
OXT 2L5 H . -39.71 -1.89 -4.50
PG ANP I . 19.41 0.45 -0.58
O1G ANP I . 19.09 -0.91 -1.16
O2G ANP I . 18.10 1.12 0.02
O3G ANP I . 20.48 0.24 0.56
PB ANP I . 18.88 1.85 -3.03
O1B ANP I . 19.65 2.16 -4.28
O2B ANP I . 17.91 0.66 -3.25
N3B ANP I . 19.99 1.49 -1.80
PA ANP I . 17.67 4.30 -3.66
O1A ANP I . 16.52 3.93 -4.51
O2A ANP I . 18.93 4.70 -4.43
O3A ANP I . 18.04 3.10 -2.64
O5' ANP I . 17.21 5.48 -2.70
C5' ANP I . 18.08 6.59 -2.33
C4' ANP I . 18.35 6.54 -0.85
O4' ANP I . 17.12 6.32 -0.12
C3' ANP I . 19.27 5.44 -0.34
O3' ANP I . 20.64 5.78 -0.54
C2' ANP I . 18.91 5.40 1.14
O2' ANP I . 19.53 6.44 1.90
C1' ANP I . 17.41 5.68 1.11
N9 ANP I . 16.58 4.48 1.20
C8 ANP I . 16.14 3.71 0.16
N7 ANP I . 15.41 2.69 0.55
C5 ANP I . 15.38 2.78 1.92
C6 ANP I . 14.77 2.01 2.93
N6 ANP I . 14.04 0.92 2.68
N1 ANP I . 14.94 2.39 4.22
C2 ANP I . 15.66 3.50 4.47
N3 ANP I . 16.28 4.30 3.61
C4 ANP I . 16.10 3.90 2.35
CL 2L5 J . 17.42 14.09 -8.63
C15 2L5 J . 16.12 13.80 -9.87
C19 2L5 J . 15.94 14.69 -10.94
C18 2L5 J . 14.94 14.48 -11.86
C17 2L5 J . 14.14 13.35 -11.69
C16 2L5 J . 14.34 12.47 -10.65
C14 2L5 J . 15.32 12.69 -9.71
C13 2L5 J . 15.57 11.72 -8.58
CA 2L5 J . 16.78 10.83 -9.00
N 2L5 J . 16.38 9.57 -9.69
C 2L5 J . 17.87 10.64 -7.96
O 2L5 J . 18.56 9.59 -7.95
OXT 2L5 J . 18.06 11.55 -7.13
PG ANP K . 22.16 -16.04 -1.29
O1G ANP K . 22.66 -14.68 -0.90
O2G ANP K . 21.99 -16.90 0.01
O3G ANP K . 20.75 -15.86 -2.01
PB ANP K . 24.85 -16.90 -1.80
O1B ANP K . 25.74 -16.65 -2.99
O2B ANP K . 25.07 -15.83 -0.70
N3B ANP K . 23.24 -16.85 -2.34
PA ANP K . 26.32 -19.33 -1.61
O1A ANP K . 27.55 -19.21 -0.80
O2A ANP K . 26.52 -19.26 -3.13
O3A ANP K . 25.19 -18.28 -1.16
O5' ANP K . 25.67 -20.71 -1.18
C5' ANP K . 25.23 -21.71 -2.12
C4' ANP K . 23.79 -22.05 -1.85
O4' ANP K . 23.59 -22.28 -0.43
C3' ANP K . 22.77 -20.98 -2.20
O3' ANP K . 22.45 -21.00 -3.59
C2' ANP K . 21.57 -21.41 -1.35
O2' ANP K . 20.84 -22.49 -1.93
C1' ANP K . 22.27 -21.91 -0.07
N9 ANP K . 22.35 -20.90 0.97
C8 ANP K . 23.33 -19.95 1.13
N7 ANP K . 23.13 -19.15 2.15
C5 ANP K . 21.93 -19.58 2.69
C6 ANP K . 21.17 -19.14 3.77
N6 ANP K . 21.52 -18.11 4.56
N1 ANP K . 20.01 -19.80 4.05
C2 ANP K . 19.66 -20.83 3.27
N3 ANP K . 20.29 -21.31 2.19
C4 ANP K . 21.43 -20.64 1.95
CL 2L5 L . 32.41 -27.17 -5.26
C15 2L5 L . 33.99 -26.75 -4.51
C19 2L5 L . 35.14 -27.51 -4.76
C18 2L5 L . 36.35 -27.22 -4.19
C17 2L5 L . 36.40 -26.12 -3.36
C16 2L5 L . 35.27 -25.34 -3.11
C14 2L5 L . 34.05 -25.65 -3.68
C13 2L5 L . 32.81 -24.80 -3.44
CA 2L5 L . 32.58 -23.91 -4.67
N 2L5 L . 32.96 -22.52 -4.35
C 2L5 L . 31.15 -23.98 -5.17
O 2L5 L . 30.49 -25.04 -5.07
OXT 2L5 L . 30.65 -22.95 -5.68
#